data_6G59
#
_entry.id   6G59
#
_cell.length_a   85.924
_cell.length_b   106.855
_cell.length_c   131.023
_cell.angle_alpha   90.00
_cell.angle_beta   90.00
_cell.angle_gamma   90.00
#
_symmetry.space_group_name_H-M   'P 21 21 21'
#
loop_
_entity.id
_entity.type
_entity.pdbx_description
1 polymer 'Alanine racemase 1'
2 non-polymer '(6-ethynyl-4-methanoyl-5-oxidanyl-pyridin-3-yl)methyl dihydrogen phosphate'
3 non-polymer 'SULFATE ION'
4 non-polymer 'SODIUM ION'
5 non-polymer 'CHLORIDE ION'
6 water water
#
_entity_poly.entity_id   1
_entity_poly.type   'polypeptide(L)'
_entity_poly.pdbx_seq_one_letter_code
;MASWSHPQFEKGAVTSLYKKAGFSDKYYRSAYMNVDLNAVASNFKVFSTLHPNKTVMAVVKANAYGLGSVKVARHLMENG
ATFFAVATLDEAIELRMHGITAKILVLGVLPAKDIDKAIQHRVALTVPSKQWLKEAIKNISGEQEKKLWLHIKLDTGMGR
LGIKDTNTYQEVIEIIQQYEQLVFEGVFTHFACADEPGDMTTEQYQRFKDMVNEAIKPEYIHCQNSAGSLLMDCQFCNAI
RPGISLYGYYPSEYVQQKVKVHLKPSVQLIANVVQTKTLQAGESVSYGATYTATDPTTIALLPIGYADGYLRIMQGSFVN
VNGHQCEVIGRVCMDQTIVKVPDQVKAGDSVILIDNHRESPQSVEVVAEKQHTINYEVLCNLSRRLPRIYHDGDQRFVTN
ELLK
;
_entity_poly.pdbx_strand_id   A,B
#
loop_
_chem_comp.id
_chem_comp.type
_chem_comp.name
_chem_comp.formula
CL non-polymer 'CHLORIDE ION' 'Cl -1'
EM2 non-polymer '(6-ethynyl-4-methanoyl-5-oxidanyl-pyridin-3-yl)methyl dihydrogen phosphate' 'C9 H8 N O6 P'
NA non-polymer 'SODIUM ION' 'Na 1'
SO4 non-polymer 'SULFATE ION' 'O4 S -2'
#
# COMPACT_ATOMS: atom_id res chain seq x y z
N TYR A 18 -8.32 20.28 -16.06
CA TYR A 18 -7.30 19.86 -15.03
C TYR A 18 -6.36 18.78 -15.57
N LYS A 19 -5.05 19.02 -15.45
CA LYS A 19 -3.96 18.18 -16.02
C LYS A 19 -2.92 17.82 -14.95
N LYS A 20 -1.96 16.97 -15.32
CA LYS A 20 -0.84 16.61 -14.41
C LYS A 20 0.02 17.86 -14.18
N ALA A 21 0.39 18.08 -12.92
CA ALA A 21 1.31 19.15 -12.54
C ALA A 21 2.72 18.95 -13.08
N GLY A 22 3.38 20.05 -13.42
CA GLY A 22 4.75 20.00 -13.89
C GLY A 22 5.80 19.72 -12.82
N PHE A 23 5.72 20.41 -11.68
CA PHE A 23 6.77 20.42 -10.66
C PHE A 23 6.33 19.92 -9.30
N SER A 24 5.10 20.22 -8.88
CA SER A 24 4.60 19.81 -7.55
C SER A 24 3.12 19.50 -7.62
N ASP A 25 2.76 18.27 -7.26
CA ASP A 25 1.36 17.84 -7.26
C ASP A 25 0.59 18.52 -6.15
N LYS A 26 -0.66 18.89 -6.39
CA LYS A 26 -1.50 19.43 -5.33
C LYS A 26 -2.06 18.29 -4.49
N TYR A 27 -2.57 18.61 -3.30
CA TYR A 27 -3.27 17.62 -2.49
C TYR A 27 -4.35 18.26 -1.62
N TYR A 28 -5.42 17.52 -1.41
CA TYR A 28 -6.69 18.08 -0.93
C TYR A 28 -7.25 17.40 0.33
N ARG A 29 -6.38 16.71 1.08
CA ARG A 29 -6.70 16.20 2.40
C ARG A 29 -5.49 16.45 3.31
N SER A 30 -5.74 16.86 4.54
CA SER A 30 -4.67 17.17 5.50
C SER A 30 -4.12 15.90 6.18
N ALA A 31 -3.44 15.09 5.39
CA ALA A 31 -2.77 13.89 5.87
C ALA A 31 -1.68 13.61 4.85
N TYR A 32 -0.46 13.39 5.34
CA TYR A 32 0.69 13.35 4.45
C TYR A 32 1.94 12.81 5.13
N MET A 33 2.90 12.41 4.30
CA MET A 33 4.26 12.08 4.75
C MET A 33 5.20 13.24 4.47
N ASN A 34 5.95 13.66 5.49
CA ASN A 34 7.14 14.52 5.26
C ASN A 34 8.31 13.61 5.00
N VAL A 35 9.03 13.83 3.89
CA VAL A 35 10.22 13.05 3.55
C VAL A 35 11.41 14.00 3.51
N ASP A 36 12.36 13.80 4.41
CA ASP A 36 13.53 14.65 4.56
C ASP A 36 14.65 14.14 3.64
N LEU A 37 14.80 14.77 2.49
CA LEU A 37 15.85 14.37 1.54
C LEU A 37 17.27 14.65 2.05
N ASN A 38 17.43 15.68 2.89
CA ASN A 38 18.75 16.01 3.43
C ASN A 38 19.22 14.95 4.41
N ALA A 39 18.28 14.46 5.23
CA ALA A 39 18.52 13.28 6.07
C ALA A 39 19.00 12.07 5.26
N VAL A 40 18.35 11.82 4.13
CA VAL A 40 18.72 10.66 3.28
C VAL A 40 20.16 10.82 2.72
N ALA A 41 20.49 12.03 2.25
CA ALA A 41 21.83 12.33 1.74
C ALA A 41 22.90 12.20 2.82
N SER A 42 22.54 12.67 4.01
CA SER A 42 23.39 12.60 5.19
C SER A 42 23.74 11.14 5.54
N ASN A 43 22.74 10.25 5.44
CA ASN A 43 22.93 8.83 5.76
C ASN A 43 23.75 8.10 4.69
N PHE A 44 23.44 8.37 3.43
CA PHE A 44 24.27 7.94 2.31
C PHE A 44 25.74 8.34 2.51
N LYS A 45 26.00 9.57 2.94
CA LYS A 45 27.34 10.08 3.16
C LYS A 45 28.05 9.39 4.34
N VAL A 46 27.29 8.97 5.35
CA VAL A 46 27.81 8.13 6.43
C VAL A 46 28.40 6.81 5.89
N PHE A 47 27.63 6.13 5.04
CA PHE A 47 28.09 4.88 4.44
C PHE A 47 29.30 5.02 3.52
N SER A 48 29.33 6.03 2.66
CA SER A 48 30.51 6.25 1.79
CA SER A 48 30.51 6.26 1.79
C SER A 48 31.75 6.61 2.61
N THR A 49 31.55 7.22 3.78
CA THR A 49 32.64 7.54 4.71
C THR A 49 33.13 6.29 5.44
N LEU A 50 32.23 5.40 5.82
CA LEU A 50 32.61 4.10 6.40
C LEU A 50 33.33 3.18 5.40
N HIS A 51 32.96 3.30 4.13
CA HIS A 51 33.53 2.48 3.06
C HIS A 51 34.08 3.36 1.92
N PRO A 52 35.17 4.11 2.18
CA PRO A 52 35.67 5.09 1.19
C PRO A 52 36.19 4.52 -0.14
N ASN A 53 36.58 3.26 -0.18
CA ASN A 53 37.01 2.63 -1.45
C ASN A 53 35.97 1.69 -2.08
N LYS A 54 34.69 1.84 -1.70
CA LYS A 54 33.62 1.01 -2.25
C LYS A 54 32.56 1.88 -2.95
N THR A 55 31.99 1.34 -4.01
CA THR A 55 30.79 1.89 -4.63
C THR A 55 29.61 1.61 -3.67
N VAL A 56 28.83 2.64 -3.35
CA VAL A 56 27.65 2.47 -2.53
C VAL A 56 26.47 2.27 -3.48
N MET A 57 26.06 1.01 -3.64
CA MET A 57 24.93 0.66 -4.48
C MET A 57 23.65 0.84 -3.65
N ALA A 58 23.07 2.04 -3.74
CA ALA A 58 21.92 2.41 -2.92
C ALA A 58 20.70 1.59 -3.27
N VAL A 59 20.12 0.91 -2.28
CA VAL A 59 18.95 0.08 -2.52
C VAL A 59 17.69 0.95 -2.42
N VAL A 60 17.02 1.13 -3.57
CA VAL A 60 15.79 1.94 -3.68
C VAL A 60 14.59 1.13 -4.16
N LYS A 61 14.61 -0.18 -3.90
CA LYS A 61 13.45 -1.03 -4.18
C LYS A 61 12.23 -0.65 -3.35
N ALA A 62 11.09 -1.21 -3.75
CA ALA A 62 9.79 -0.97 -3.07
C ALA A 62 9.52 0.54 -2.92
N ASN A 63 9.74 1.25 -4.00
CA ASN A 63 9.59 2.70 -4.05
C ASN A 63 10.41 3.39 -2.93
N ALA A 64 11.69 2.98 -2.81
CA ALA A 64 12.59 3.47 -1.75
C ALA A 64 11.97 3.28 -0.38
N TYR A 65 11.47 2.07 -0.15
CA TYR A 65 10.87 1.69 1.13
C TYR A 65 9.72 2.66 1.49
N GLY A 66 8.95 3.08 0.48
CA GLY A 66 7.83 4.01 0.66
C GLY A 66 8.10 5.50 0.50
N LEU A 67 9.36 5.92 0.46
CA LEU A 67 9.70 7.36 0.34
C LEU A 67 9.51 7.95 -1.07
N GLY A 68 9.60 7.11 -2.10
CA GLY A 68 9.59 7.55 -3.50
C GLY A 68 10.92 7.30 -4.20
N SER A 69 10.99 6.20 -4.96
CA SER A 69 12.26 5.81 -5.58
C SER A 69 12.82 6.86 -6.56
N VAL A 70 11.96 7.48 -7.34
CA VAL A 70 12.41 8.49 -8.31
C VAL A 70 13.04 9.72 -7.63
N LYS A 71 12.35 10.31 -6.66
CA LYS A 71 12.87 11.50 -5.95
C LYS A 71 14.17 11.21 -5.16
N VAL A 72 14.19 10.05 -4.49
CA VAL A 72 15.36 9.64 -3.72
C VAL A 72 16.59 9.37 -4.63
N ALA A 73 16.40 8.62 -5.70
CA ALA A 73 17.46 8.31 -6.65
C ALA A 73 18.05 9.56 -7.24
N ARG A 74 17.15 10.46 -7.67
CA ARG A 74 17.56 11.74 -8.26
C ARG A 74 18.39 12.57 -7.26
N HIS A 75 17.94 12.60 -6.00
CA HIS A 75 18.63 13.38 -4.96
C HIS A 75 19.97 12.75 -4.63
N LEU A 76 20.02 11.41 -4.60
CA LEU A 76 21.27 10.70 -4.34
C LEU A 76 22.28 10.86 -5.49
N MET A 77 21.78 10.91 -6.72
CA MET A 77 22.66 11.19 -7.87
C MET A 77 23.29 12.56 -7.75
N GLU A 78 22.50 13.56 -7.38
CA GLU A 78 23.06 14.90 -7.11
C GLU A 78 24.16 14.90 -6.04
N ASN A 79 24.16 13.90 -5.15
CA ASN A 79 25.15 13.75 -4.08
C ASN A 79 26.21 12.65 -4.35
N GLY A 80 26.44 12.29 -5.61
CA GLY A 80 27.48 11.34 -5.99
C GLY A 80 27.11 9.86 -6.20
N ALA A 81 25.86 9.47 -6.03
CA ALA A 81 25.49 8.06 -6.24
C ALA A 81 25.58 7.69 -7.72
N THR A 82 26.19 6.56 -8.03
CA THR A 82 26.35 6.10 -9.42
C THR A 82 25.74 4.75 -9.75
N PHE A 83 25.18 4.06 -8.75
CA PHE A 83 24.67 2.70 -8.90
C PHE A 83 23.51 2.52 -7.92
N PHE A 84 22.38 1.97 -8.42
CA PHE A 84 21.20 1.69 -7.62
C PHE A 84 20.82 0.23 -7.78
N ALA A 85 20.12 -0.30 -6.78
CA ALA A 85 19.52 -1.64 -6.89
C ALA A 85 18.04 -1.56 -6.63
N VAL A 86 17.28 -2.36 -7.38
CA VAL A 86 15.82 -2.44 -7.27
C VAL A 86 15.42 -3.91 -7.32
N ALA A 87 14.15 -4.19 -7.04
CA ALA A 87 13.66 -5.57 -6.95
C ALA A 87 13.23 -6.10 -8.31
N THR A 88 12.70 -5.21 -9.15
CA THR A 88 12.01 -5.62 -10.37
C THR A 88 12.46 -4.73 -11.52
N LEU A 89 12.29 -5.22 -12.75
CA LEU A 89 12.58 -4.41 -13.94
C LEU A 89 11.63 -3.21 -14.09
N ASP A 90 10.38 -3.38 -13.65
CA ASP A 90 9.40 -2.27 -13.64
C ASP A 90 9.99 -1.09 -12.85
N GLU A 91 10.52 -1.36 -11.67
CA GLU A 91 11.17 -0.34 -10.82
C GLU A 91 12.36 0.33 -11.50
N ALA A 92 13.16 -0.46 -12.22
CA ALA A 92 14.30 0.05 -12.99
C ALA A 92 13.87 0.91 -14.19
N ILE A 93 12.90 0.43 -14.96
CA ILE A 93 12.35 1.21 -16.06
C ILE A 93 11.71 2.53 -15.57
N GLU A 94 10.99 2.48 -14.44
CA GLU A 94 10.44 3.70 -13.83
C GLU A 94 11.57 4.72 -13.58
N LEU A 95 12.71 4.27 -13.05
CA LEU A 95 13.84 5.18 -12.85
C LEU A 95 14.33 5.76 -14.19
N ARG A 96 14.44 4.91 -15.22
CA ARG A 96 14.90 5.36 -16.54
C ARG A 96 13.97 6.37 -17.22
N MET A 97 12.67 6.16 -17.10
CA MET A 97 11.65 7.06 -17.65
C MET A 97 11.72 8.46 -17.04
N HIS A 98 12.24 8.58 -15.81
CA HIS A 98 12.30 9.84 -15.09
C HIS A 98 13.72 10.43 -15.03
N GLY A 99 14.61 9.98 -15.93
CA GLY A 99 15.92 10.60 -16.11
C GLY A 99 17.09 10.05 -15.32
N ILE A 100 16.92 8.96 -14.58
CA ILE A 100 18.03 8.36 -13.84
C ILE A 100 18.98 7.68 -14.83
N THR A 101 20.24 8.14 -14.86
CA THR A 101 21.27 7.59 -15.77
C THR A 101 22.34 6.75 -15.07
N ALA A 102 22.24 6.57 -13.75
CA ALA A 102 23.11 5.64 -13.05
C ALA A 102 22.93 4.19 -13.52
N LYS A 103 23.87 3.34 -13.17
CA LYS A 103 23.72 1.91 -13.35
C LYS A 103 22.63 1.40 -12.41
N ILE A 104 21.87 0.43 -12.87
CA ILE A 104 20.79 -0.16 -12.08
C ILE A 104 20.90 -1.68 -12.14
N LEU A 105 20.80 -2.33 -10.98
CA LEU A 105 20.74 -3.78 -10.90
C LEU A 105 19.36 -4.21 -10.40
N VAL A 106 18.74 -5.14 -11.12
CA VAL A 106 17.53 -5.81 -10.70
C VAL A 106 17.95 -7.03 -9.88
N LEU A 107 17.52 -7.06 -8.62
CA LEU A 107 17.87 -8.13 -7.67
C LEU A 107 17.01 -9.37 -7.80
N GLY A 108 15.78 -9.21 -8.26
CA GLY A 108 14.91 -10.34 -8.52
C GLY A 108 15.18 -11.00 -9.86
N VAL A 109 14.35 -11.99 -10.17
CA VAL A 109 14.49 -12.79 -11.39
C VAL A 109 13.56 -12.27 -12.48
N LEU A 110 14.15 -11.79 -13.57
CA LEU A 110 13.39 -11.36 -14.71
C LEU A 110 12.79 -12.58 -15.45
N PRO A 111 11.52 -12.50 -15.87
CA PRO A 111 11.00 -13.46 -16.86
C PRO A 111 11.82 -13.45 -18.14
N ALA A 112 12.26 -14.62 -18.59
CA ALA A 112 13.12 -14.73 -19.78
C ALA A 112 12.56 -14.07 -21.04
N LYS A 113 11.24 -14.12 -21.22
CA LYS A 113 10.61 -13.49 -22.39
C LYS A 113 10.86 -11.95 -22.45
N ASP A 114 11.12 -11.32 -21.32
CA ASP A 114 11.35 -9.88 -21.22
C ASP A 114 12.82 -9.43 -21.32
N ILE A 115 13.72 -10.34 -21.66
CA ILE A 115 15.15 -10.03 -21.74
C ILE A 115 15.50 -8.82 -22.64
N ASP A 116 14.84 -8.69 -23.78
CA ASP A 116 15.08 -7.53 -24.69
C ASP A 116 14.81 -6.14 -24.08
N LYS A 117 13.83 -6.04 -23.18
CA LYS A 117 13.55 -4.79 -22.48
C LYS A 117 14.65 -4.37 -21.51
N ALA A 118 15.32 -5.35 -20.88
CA ALA A 118 16.46 -5.03 -20.00
C ALA A 118 17.66 -4.51 -20.78
N ILE A 119 17.89 -5.11 -21.95
CA ILE A 119 18.98 -4.69 -22.83
C ILE A 119 18.71 -3.31 -23.38
N GLN A 120 17.50 -3.09 -23.89
CA GLN A 120 17.09 -1.78 -24.41
C GLN A 120 17.31 -0.65 -23.42
N HIS A 121 16.89 -0.84 -22.17
CA HIS A 121 16.99 0.18 -21.13
C HIS A 121 18.28 0.16 -20.30
N ARG A 122 19.27 -0.63 -20.67
CA ARG A 122 20.59 -0.57 -20.02
C ARG A 122 20.56 -0.89 -18.53
N VAL A 123 19.85 -1.97 -18.21
CA VAL A 123 19.62 -2.42 -16.86
C VAL A 123 20.31 -3.75 -16.64
N ALA A 124 21.08 -3.85 -15.55
CA ALA A 124 21.78 -5.08 -15.22
C ALA A 124 20.83 -6.05 -14.55
N LEU A 125 21.01 -7.34 -14.82
CA LEU A 125 20.16 -8.39 -14.27
C LEU A 125 20.90 -9.40 -13.41
N THR A 126 20.16 -10.04 -12.52
CA THR A 126 20.64 -11.10 -11.65
C THR A 126 20.49 -12.48 -12.36
N VAL A 127 21.56 -13.29 -12.31
CA VAL A 127 21.53 -14.67 -12.77
C VAL A 127 21.39 -15.59 -11.55
N PRO A 128 20.20 -16.20 -11.37
CA PRO A 128 19.98 -17.07 -10.21
C PRO A 128 20.36 -18.52 -10.41
N SER A 129 20.49 -18.97 -11.65
CA SER A 129 20.69 -20.38 -11.97
C SER A 129 21.22 -20.54 -13.39
N LYS A 130 21.75 -21.73 -13.69
CA LYS A 130 22.18 -22.04 -15.05
C LYS A 130 21.00 -22.10 -16.02
N GLN A 131 19.87 -22.62 -15.55
CA GLN A 131 18.68 -22.81 -16.40
C GLN A 131 18.12 -21.45 -16.86
N TRP A 132 18.02 -20.50 -15.95
CA TRP A 132 17.56 -19.16 -16.28
C TRP A 132 18.40 -18.57 -17.41
N LEU A 133 19.72 -18.64 -17.29
CA LEU A 133 20.61 -18.03 -18.27
C LEU A 133 20.41 -18.59 -19.66
N LYS A 134 20.24 -19.91 -19.77
CA LYS A 134 19.92 -20.53 -21.05
C LYS A 134 18.59 -20.07 -21.64
N GLU A 135 17.55 -19.97 -20.80
CA GLU A 135 16.27 -19.42 -21.25
C GLU A 135 16.40 -17.99 -21.73
N ALA A 136 17.13 -17.18 -20.97
CA ALA A 136 17.35 -15.78 -21.32
C ALA A 136 18.05 -15.63 -22.69
N ILE A 137 19.07 -16.44 -22.94
CA ILE A 137 19.78 -16.41 -24.21
C ILE A 137 18.84 -16.73 -25.39
N LYS A 138 18.00 -17.76 -25.23
CA LYS A 138 17.02 -18.16 -26.25
C LYS A 138 16.02 -17.09 -26.62
N ASN A 139 15.73 -16.18 -25.71
CA ASN A 139 14.78 -15.08 -25.95
C ASN A 139 15.42 -13.77 -26.43
N ILE A 140 16.73 -13.76 -26.67
CA ILE A 140 17.40 -12.57 -27.22
C ILE A 140 17.17 -12.54 -28.74
N SER A 141 16.43 -11.55 -29.21
CA SER A 141 15.99 -11.47 -30.61
C SER A 141 17.06 -11.08 -31.62
N GLY A 142 18.02 -10.27 -31.18
CA GLY A 142 18.93 -9.54 -32.08
C GLY A 142 18.55 -8.09 -32.36
N GLU A 143 17.35 -7.68 -31.94
CA GLU A 143 16.80 -6.36 -32.25
C GLU A 143 17.40 -5.28 -31.33
N GLN A 144 17.74 -5.69 -30.11
CA GLN A 144 18.51 -4.86 -29.16
C GLN A 144 19.93 -5.40 -29.11
N GLU A 145 20.89 -4.67 -29.68
CA GLU A 145 22.27 -5.13 -29.86
C GLU A 145 23.30 -4.66 -28.82
N LYS A 146 22.87 -3.86 -27.85
CA LYS A 146 23.77 -3.41 -26.77
C LYS A 146 24.07 -4.53 -25.77
N LYS A 147 25.10 -4.30 -24.94
CA LYS A 147 25.58 -5.30 -24.00
C LYS A 147 24.57 -5.53 -22.90
N LEU A 148 24.50 -6.78 -22.44
CA LEU A 148 23.67 -7.18 -21.32
C LEU A 148 24.56 -7.41 -20.11
N TRP A 149 24.46 -6.52 -19.13
CA TRP A 149 25.23 -6.61 -17.90
C TRP A 149 24.60 -7.59 -16.91
N LEU A 150 25.42 -8.53 -16.41
CA LEU A 150 24.94 -9.61 -15.56
C LEU A 150 25.73 -9.68 -14.24
N HIS A 151 24.98 -9.84 -13.15
CA HIS A 151 25.54 -10.07 -11.83
C HIS A 151 25.07 -11.43 -11.37
N ILE A 152 26.01 -12.34 -11.07
CA ILE A 152 25.65 -13.70 -10.71
C ILE A 152 25.37 -13.74 -9.22
N LYS A 153 24.22 -14.29 -8.85
CA LYS A 153 23.84 -14.43 -7.44
C LYS A 153 24.36 -15.77 -6.94
N LEU A 154 25.11 -15.74 -5.83
CA LEU A 154 25.54 -16.95 -5.12
C LEU A 154 24.74 -17.14 -3.83
N ASP A 155 24.18 -18.35 -3.66
CA ASP A 155 23.56 -18.79 -2.42
C ASP A 155 24.67 -19.36 -1.55
N THR A 156 24.96 -18.65 -0.46
CA THR A 156 26.01 -19.05 0.46
C THR A 156 25.47 -19.57 1.80
N GLY A 157 24.19 -19.90 1.82
CA GLY A 157 23.49 -20.38 3.00
C GLY A 157 22.13 -19.74 3.26
N MET A 158 21.80 -18.67 2.56
CA MET A 158 20.50 -18.02 2.73
C MET A 158 19.35 -18.95 2.33
N GLY A 159 19.55 -19.73 1.28
CA GLY A 159 18.56 -20.68 0.81
C GLY A 159 17.50 -20.10 -0.09
N ARG A 160 17.70 -18.86 -0.51
CA ARG A 160 16.76 -18.17 -1.37
C ARG A 160 17.27 -18.33 -2.80
N LEU A 161 17.40 -17.23 -3.53
CA LEU A 161 17.90 -17.24 -4.89
C LEU A 161 19.40 -17.50 -4.95
N GLY A 162 19.87 -17.95 -6.09
CA GLY A 162 21.29 -18.17 -6.30
C GLY A 162 21.85 -19.55 -6.56
N ILE A 163 23.10 -19.54 -7.03
CA ILE A 163 23.85 -20.74 -7.33
C ILE A 163 24.62 -21.11 -6.09
N LYS A 164 24.57 -22.38 -5.72
CA LYS A 164 25.16 -22.79 -4.47
C LYS A 164 26.46 -23.59 -4.60
N ASP A 165 26.77 -24.05 -5.80
CA ASP A 165 27.94 -24.88 -6.02
C ASP A 165 28.90 -24.25 -7.03
N THR A 166 30.18 -24.51 -6.80
CA THR A 166 31.25 -23.89 -7.56
C THR A 166 31.25 -24.31 -9.03
N ASN A 167 31.00 -25.58 -9.33
CA ASN A 167 31.01 -26.06 -10.72
C ASN A 167 30.00 -25.32 -11.59
N THR A 168 28.80 -25.13 -11.05
CA THR A 168 27.74 -24.40 -11.77
C THR A 168 28.12 -22.94 -11.98
N TYR A 169 28.70 -22.32 -10.96
CA TYR A 169 29.22 -20.94 -11.05
C TYR A 169 30.21 -20.81 -12.21
N GLN A 170 31.14 -21.75 -12.29
CA GLN A 170 32.13 -21.77 -13.39
C GLN A 170 31.50 -21.96 -14.76
N GLU A 171 30.56 -22.89 -14.87
CA GLU A 171 29.85 -23.15 -16.14
C GLU A 171 29.10 -21.89 -16.64
N VAL A 172 28.49 -21.17 -15.71
CA VAL A 172 27.75 -19.95 -16.04
C VAL A 172 28.68 -18.87 -16.61
N ILE A 173 29.85 -18.72 -16.01
CA ILE A 173 30.82 -17.74 -16.48
C ILE A 173 31.31 -18.15 -17.87
N GLU A 174 31.58 -19.44 -18.05
CA GLU A 174 32.00 -19.94 -19.37
C GLU A 174 30.94 -19.71 -20.46
N ILE A 175 29.67 -19.84 -20.13
CA ILE A 175 28.58 -19.50 -21.06
C ILE A 175 28.63 -18.01 -21.40
N ILE A 176 28.74 -17.17 -20.37
CA ILE A 176 28.82 -15.70 -20.58
C ILE A 176 30.02 -15.31 -21.45
N GLN A 177 31.14 -16.00 -21.27
CA GLN A 177 32.33 -15.76 -22.06
C GLN A 177 32.25 -16.17 -23.51
N GLN A 178 31.32 -17.04 -23.90
CA GLN A 178 31.11 -17.41 -25.32
C GLN A 178 30.27 -16.40 -26.12
N TYR A 179 29.65 -15.43 -25.46
CA TYR A 179 28.84 -14.42 -26.14
C TYR A 179 29.39 -13.04 -25.84
N GLU A 180 29.76 -12.32 -26.90
CA GLU A 180 30.31 -10.99 -26.79
C GLU A 180 29.26 -10.01 -26.25
N GLN A 181 27.97 -10.28 -26.50
CA GLN A 181 26.90 -9.44 -25.98
C GLN A 181 26.70 -9.55 -24.45
N LEU A 182 27.04 -10.69 -23.85
CA LEU A 182 26.86 -10.89 -22.40
C LEU A 182 28.12 -10.53 -21.63
N VAL A 183 27.98 -9.63 -20.64
CA VAL A 183 29.09 -9.18 -19.78
C VAL A 183 28.93 -9.71 -18.34
N PHE A 184 30.00 -10.32 -17.84
CA PHE A 184 30.11 -10.71 -16.43
C PHE A 184 30.55 -9.49 -15.64
N GLU A 185 29.56 -8.67 -15.25
CA GLU A 185 29.80 -7.41 -14.56
C GLU A 185 30.03 -7.59 -13.06
N GLY A 186 29.31 -8.51 -12.43
CA GLY A 186 29.34 -8.66 -10.97
C GLY A 186 29.00 -10.03 -10.41
N VAL A 187 29.38 -10.24 -9.15
CA VAL A 187 28.98 -11.44 -8.38
C VAL A 187 28.59 -11.00 -6.98
N PHE A 188 27.56 -11.62 -6.41
CA PHE A 188 27.07 -11.23 -5.10
C PHE A 188 26.37 -12.32 -4.31
N THR A 189 26.28 -12.10 -3.01
CA THR A 189 25.45 -12.93 -2.13
C THR A 189 24.72 -12.02 -1.12
N HIS A 190 23.94 -12.64 -0.26
CA HIS A 190 23.12 -11.90 0.69
C HIS A 190 23.06 -12.64 2.02
N PHE A 191 23.19 -11.88 3.11
CA PHE A 191 23.17 -12.42 4.47
C PHE A 191 21.75 -12.55 5.06
N ALA A 192 21.51 -13.70 5.67
CA ALA A 192 20.27 -14.00 6.39
C ALA A 192 20.17 -13.33 7.77
N CYS A 193 21.27 -13.38 8.54
CA CYS A 193 21.27 -13.06 9.98
C CYS A 193 22.30 -11.98 10.38
N ALA A 194 22.60 -11.06 9.47
CA ALA A 194 23.62 -10.02 9.73
C ALA A 194 23.22 -9.06 10.89
N ASP A 195 21.92 -9.00 11.19
CA ASP A 195 21.38 -8.15 12.26
C ASP A 195 21.15 -8.85 13.61
N GLU A 196 21.51 -10.13 13.70
CA GLU A 196 21.51 -10.86 14.98
C GLU A 196 22.95 -11.36 15.27
N PRO A 197 23.27 -11.60 16.56
N PRO A 197 23.30 -11.65 16.52
CA PRO A 197 24.56 -12.20 16.90
CA PRO A 197 24.72 -11.95 16.88
C PRO A 197 24.65 -13.63 16.41
C PRO A 197 25.60 -13.06 16.20
N GLY A 198 25.87 -14.13 16.29
N GLY A 198 25.06 -14.23 15.86
CA GLY A 198 26.10 -15.48 15.82
CA GLY A 198 25.86 -15.46 15.65
C GLY A 198 26.95 -15.57 14.58
C GLY A 198 26.91 -15.56 14.55
N ASP A 199 27.41 -16.79 14.36
CA ASP A 199 28.46 -17.09 13.39
C ASP A 199 28.02 -17.21 11.95
N MET A 200 26.72 -17.21 11.64
CA MET A 200 26.27 -17.53 10.29
C MET A 200 26.80 -16.54 9.27
N THR A 201 26.81 -15.26 9.60
CA THR A 201 27.33 -14.23 8.72
C THR A 201 28.82 -14.41 8.37
N THR A 202 29.66 -14.70 9.36
CA THR A 202 31.08 -15.04 9.16
C THR A 202 31.26 -16.21 8.18
N GLU A 203 30.51 -17.28 8.43
CA GLU A 203 30.54 -18.49 7.59
C GLU A 203 30.11 -18.23 6.15
N GLN A 204 29.05 -17.44 5.97
CA GLN A 204 28.57 -17.05 4.62
C GLN A 204 29.59 -16.23 3.86
N TYR A 205 30.26 -15.32 4.55
CA TYR A 205 31.29 -14.46 3.97
C TYR A 205 32.51 -15.30 3.52
N GLN A 206 32.97 -16.20 4.37
CA GLN A 206 34.04 -17.11 3.99
C GLN A 206 33.67 -18.00 2.77
N ARG A 207 32.45 -18.51 2.75
CA ARG A 207 31.95 -19.33 1.65
C ARG A 207 31.92 -18.55 0.34
N PHE A 208 31.45 -17.31 0.43
CA PHE A 208 31.41 -16.37 -0.70
C PHE A 208 32.80 -16.18 -1.30
N LYS A 209 33.81 -15.96 -0.45
CA LYS A 209 35.20 -15.83 -0.93
C LYS A 209 35.71 -17.11 -1.56
N ASP A 210 35.43 -18.22 -0.90
CA ASP A 210 35.86 -19.51 -1.40
C ASP A 210 35.37 -19.79 -2.83
N MET A 211 34.12 -19.44 -3.12
CA MET A 211 33.55 -19.67 -4.44
C MET A 211 34.15 -18.68 -5.46
N VAL A 212 34.18 -17.41 -5.09
CA VAL A 212 34.62 -16.34 -5.99
C VAL A 212 36.10 -16.50 -6.37
N ASN A 213 36.89 -17.07 -5.44
CA ASN A 213 38.30 -17.39 -5.68
C ASN A 213 38.56 -18.57 -6.62
N GLU A 214 37.53 -19.35 -6.97
CA GLU A 214 37.68 -20.41 -7.97
C GLU A 214 37.36 -19.97 -9.40
N ALA A 215 37.23 -18.67 -9.65
CA ALA A 215 37.03 -18.18 -11.03
C ALA A 215 37.58 -16.78 -11.22
N ILE A 216 37.69 -16.36 -12.47
CA ILE A 216 38.02 -14.98 -12.81
C ILE A 216 37.07 -14.02 -12.08
N LYS A 217 37.61 -12.93 -11.54
CA LYS A 217 36.82 -11.95 -10.77
C LYS A 217 36.22 -10.88 -11.67
N PRO A 218 34.94 -10.54 -11.45
CA PRO A 218 34.29 -9.43 -12.16
C PRO A 218 34.58 -8.07 -11.54
N GLU A 219 34.17 -7.01 -12.22
CA GLU A 219 34.33 -5.62 -11.75
C GLU A 219 33.72 -5.38 -10.37
N TYR A 220 32.49 -5.84 -10.15
CA TYR A 220 31.78 -5.61 -8.87
C TYR A 220 31.61 -6.90 -8.05
N ILE A 221 32.05 -6.85 -6.79
CA ILE A 221 31.91 -7.94 -5.82
C ILE A 221 31.21 -7.35 -4.58
N HIS A 222 29.99 -7.84 -4.29
CA HIS A 222 29.17 -7.26 -3.21
C HIS A 222 28.40 -8.29 -2.36
N CYS A 223 28.37 -8.06 -1.05
CA CYS A 223 27.67 -8.94 -0.11
C CYS A 223 26.93 -8.28 1.06
N GLN A 224 27.12 -6.97 1.29
CA GLN A 224 26.68 -6.33 2.54
C GLN A 224 25.40 -5.50 2.36
N ASN A 225 24.36 -5.86 3.12
CA ASN A 225 23.18 -4.99 3.32
C ASN A 225 23.52 -3.89 4.38
N SER A 226 22.51 -3.18 4.89
CA SER A 226 22.73 -2.16 5.94
C SER A 226 23.49 -2.70 7.16
N ALA A 227 23.08 -3.88 7.61
CA ALA A 227 23.64 -4.47 8.82
C ALA A 227 25.09 -4.87 8.60
N GLY A 228 25.37 -5.57 7.50
CA GLY A 228 26.73 -5.94 7.12
C GLY A 228 27.66 -4.75 6.88
N SER A 229 27.12 -3.67 6.32
CA SER A 229 27.87 -2.44 6.07
C SER A 229 28.21 -1.69 7.35
N LEU A 230 27.36 -1.81 8.37
CA LEU A 230 27.59 -1.18 9.69
C LEU A 230 28.47 -2.00 10.63
N LEU A 231 28.51 -3.32 10.46
CA LEU A 231 29.24 -4.19 11.40
C LEU A 231 30.59 -4.73 10.88
N MET A 232 30.81 -4.77 9.57
CA MET A 232 32.00 -5.39 8.96
C MET A 232 32.62 -4.51 7.89
N ASP A 233 33.94 -4.64 7.69
CA ASP A 233 34.63 -4.03 6.56
C ASP A 233 34.41 -4.83 5.29
N CYS A 234 34.66 -6.13 5.36
CA CYS A 234 34.66 -7.02 4.18
C CYS A 234 35.53 -6.45 3.03
N GLN A 235 36.84 -6.37 3.27
CA GLN A 235 37.81 -5.84 2.28
C GLN A 235 37.75 -6.45 0.87
N PHE A 236 37.45 -7.75 0.85
CA PHE A 236 37.26 -8.51 -0.38
C PHE A 236 36.20 -7.91 -1.32
N CYS A 237 35.12 -7.37 -0.78
CA CYS A 237 34.07 -6.74 -1.57
C CYS A 237 34.48 -5.31 -1.98
N ASN A 238 33.99 -4.84 -3.12
CA ASN A 238 34.26 -3.46 -3.57
C ASN A 238 32.97 -2.63 -3.73
N ALA A 239 31.83 -3.18 -3.31
CA ALA A 239 30.57 -2.45 -3.33
C ALA A 239 29.66 -2.92 -2.22
N ILE A 240 28.79 -2.02 -1.74
CA ILE A 240 27.86 -2.32 -0.65
C ILE A 240 26.44 -2.01 -1.09
N ARG A 241 25.47 -2.66 -0.47
CA ARG A 241 24.06 -2.51 -0.85
C ARG A 241 23.19 -2.10 0.34
N PRO A 242 23.40 -0.89 0.88
CA PRO A 242 22.59 -0.45 2.03
C PRO A 242 21.17 -0.02 1.62
N GLY A 243 20.16 -0.52 2.33
CA GLY A 243 18.77 -0.14 2.10
C GLY A 243 18.22 0.71 3.23
N ILE A 244 17.58 0.06 4.19
CA ILE A 244 16.84 0.77 5.21
C ILE A 244 17.63 1.84 5.98
N SER A 245 18.92 1.63 6.18
CA SER A 245 19.73 2.62 6.90
C SER A 245 20.04 3.91 6.11
N LEU A 246 19.92 3.89 4.78
CA LEU A 246 19.92 5.14 4.00
C LEU A 246 18.80 6.06 4.40
N TYR A 247 17.67 5.48 4.80
CA TYR A 247 16.46 6.23 5.17
C TYR A 247 16.42 6.56 6.65
N GLY A 248 17.39 6.08 7.41
CA GLY A 248 17.64 6.54 8.77
C GLY A 248 17.23 5.62 9.91
N TYR A 249 17.05 4.33 9.59
CA TYR A 249 16.59 3.33 10.55
C TYR A 249 17.60 2.20 10.65
N TYR A 250 17.86 1.77 11.89
CA TYR A 250 18.75 0.62 12.13
C TYR A 250 17.97 -0.67 11.79
N PRO A 251 18.65 -1.66 11.17
CA PRO A 251 17.94 -2.90 10.79
C PRO A 251 17.50 -3.78 11.98
N SER A 252 18.05 -3.57 13.17
CA SER A 252 17.59 -4.23 14.38
C SER A 252 18.06 -3.46 15.60
N GLU A 253 17.51 -3.76 16.77
CA GLU A 253 17.96 -3.18 18.04
C GLU A 253 19.41 -3.55 18.32
N TYR A 254 19.75 -4.80 18.02
CA TYR A 254 21.10 -5.31 18.21
C TYR A 254 22.14 -4.44 17.48
N VAL A 255 21.87 -4.09 16.22
CA VAL A 255 22.81 -3.31 15.44
C VAL A 255 22.94 -1.91 16.04
N GLN A 256 21.81 -1.27 16.30
CA GLN A 256 21.74 0.04 16.96
C GLN A 256 22.59 0.10 18.22
N GLN A 257 22.56 -0.96 19.00
CA GLN A 257 23.32 -1.03 20.25
C GLN A 257 24.82 -1.29 20.04
N LYS A 258 25.19 -2.03 18.99
CA LYS A 258 26.59 -2.33 18.71
C LYS A 258 27.37 -1.14 18.09
N VAL A 259 26.73 -0.34 17.23
CA VAL A 259 27.46 0.67 16.44
C VAL A 259 27.33 2.10 16.95
N LYS A 260 28.41 2.87 16.79
CA LYS A 260 28.46 4.25 17.25
C LYS A 260 27.95 5.29 16.24
N VAL A 261 27.72 4.91 14.99
CA VAL A 261 27.18 5.88 14.01
C VAL A 261 25.74 6.27 14.32
N HIS A 262 25.43 7.54 14.06
CA HIS A 262 24.09 8.10 14.19
C HIS A 262 23.42 8.13 12.81
N LEU A 263 22.22 7.57 12.73
CA LEU A 263 21.40 7.64 11.52
C LEU A 263 20.23 8.62 11.77
N LYS A 264 19.88 9.41 10.75
CA LYS A 264 18.82 10.42 10.82
C LYS A 264 17.56 9.89 10.15
N PRO A 265 16.51 9.61 10.95
CA PRO A 265 15.21 9.22 10.38
C PRO A 265 14.65 10.27 9.44
N SER A 266 14.09 9.81 8.32
CA SER A 266 13.69 10.67 7.22
C SER A 266 12.16 10.87 7.07
N VAL A 267 11.33 10.09 7.78
CA VAL A 267 9.87 10.14 7.64
C VAL A 267 9.15 10.72 8.87
N GLN A 268 8.19 11.61 8.62
CA GLN A 268 7.09 11.88 9.57
C GLN A 268 5.79 11.50 8.91
N LEU A 269 4.83 11.01 9.70
CA LEU A 269 3.46 10.83 9.21
C LEU A 269 2.56 11.78 10.00
N ILE A 270 1.90 12.70 9.29
CA ILE A 270 1.12 13.82 9.89
C ILE A 270 -0.34 13.81 9.43
N ALA A 271 -1.24 14.21 10.32
CA ALA A 271 -2.63 14.52 9.96
C ALA A 271 -3.18 15.63 10.85
N ASN A 272 -4.10 16.43 10.32
CA ASN A 272 -4.71 17.53 11.07
C ASN A 272 -6.11 17.14 11.50
N VAL A 273 -6.51 17.61 12.68
CA VAL A 273 -7.84 17.29 13.21
C VAL A 273 -8.85 18.01 12.35
N VAL A 274 -9.92 17.32 11.94
CA VAL A 274 -10.99 17.91 11.12
C VAL A 274 -12.28 18.20 11.89
N GLN A 275 -12.54 17.51 13.00
CA GLN A 275 -13.70 17.79 13.86
C GLN A 275 -13.37 17.29 15.26
N THR A 276 -13.77 18.06 16.28
CA THR A 276 -13.84 17.55 17.67
C THR A 276 -15.29 17.42 18.14
N LYS A 277 -15.53 16.49 19.06
CA LYS A 277 -16.85 16.24 19.65
C LYS A 277 -16.70 15.89 21.12
N THR A 278 -17.75 16.13 21.90
CA THR A 278 -17.84 15.62 23.26
C THR A 278 -18.82 14.45 23.28
N LEU A 279 -18.37 13.31 23.78
CA LEU A 279 -19.25 12.15 24.00
C LEU A 279 -19.76 12.13 25.43
N GLN A 280 -21.06 11.93 25.62
CA GLN A 280 -21.61 11.66 26.95
C GLN A 280 -21.46 10.20 27.33
N ALA A 281 -21.57 9.93 28.63
CA ALA A 281 -21.46 8.58 29.17
C ALA A 281 -22.56 7.72 28.53
N GLY A 282 -22.15 6.59 27.93
CA GLY A 282 -23.05 5.71 27.20
C GLY A 282 -22.84 5.74 25.69
N GLU A 283 -22.54 6.91 25.14
CA GLU A 283 -22.30 7.04 23.69
C GLU A 283 -21.01 6.35 23.26
N SER A 284 -21.06 5.80 22.06
CA SER A 284 -19.96 5.02 21.50
C SER A 284 -19.36 5.66 20.26
N VAL A 285 -18.16 5.20 19.92
CA VAL A 285 -17.42 5.70 18.77
C VAL A 285 -16.99 4.59 17.83
N SER A 286 -17.22 4.82 16.54
CA SER A 286 -16.82 3.97 15.41
C SER A 286 -17.56 2.62 15.28
N TYR A 287 -17.07 1.78 14.37
CA TYR A 287 -17.69 0.50 14.11
C TYR A 287 -17.67 -0.48 15.28
N GLY A 288 -18.80 -1.14 15.47
CA GLY A 288 -18.95 -2.16 16.51
C GLY A 288 -19.11 -1.64 17.94
N ALA A 289 -19.29 -0.32 18.13
CA ALA A 289 -19.52 0.30 19.45
C ALA A 289 -18.45 -0.15 20.48
N THR A 290 -17.20 -0.08 20.02
CA THR A 290 -16.06 -0.76 20.65
C THR A 290 -15.37 0.08 21.72
N TYR A 291 -15.70 1.37 21.77
CA TYR A 291 -15.35 2.25 22.89
C TYR A 291 -16.59 3.00 23.33
N THR A 292 -16.92 2.88 24.61
CA THR A 292 -18.09 3.54 25.19
C THR A 292 -17.58 4.51 26.27
N ALA A 293 -18.06 5.75 26.21
CA ALA A 293 -17.62 6.78 27.14
C ALA A 293 -18.29 6.50 28.49
N THR A 294 -17.50 6.66 29.53
CA THR A 294 -17.94 6.56 30.95
C THR A 294 -18.09 7.97 31.56
N ASP A 295 -17.25 8.94 31.16
CA ASP A 295 -17.35 10.36 31.58
C ASP A 295 -17.64 11.24 30.36
N PRO A 296 -17.84 12.57 30.59
CA PRO A 296 -17.70 13.52 29.48
C PRO A 296 -16.25 13.54 28.97
N THR A 297 -16.03 12.97 27.79
CA THR A 297 -14.71 12.94 27.15
C THR A 297 -14.77 13.51 25.73
N THR A 298 -13.72 14.25 25.36
CA THR A 298 -13.57 14.87 24.06
C THR A 298 -12.78 13.96 23.11
N ILE A 299 -13.21 13.91 21.85
CA ILE A 299 -12.57 13.11 20.83
C ILE A 299 -12.24 13.97 19.62
N ALA A 300 -11.22 13.55 18.86
CA ALA A 300 -10.82 14.23 17.65
C ALA A 300 -10.82 13.22 16.51
N LEU A 301 -11.31 13.66 15.35
CA LEU A 301 -11.35 12.86 14.13
C LEU A 301 -10.19 13.25 13.23
N LEU A 302 -9.39 12.26 12.86
CA LEU A 302 -8.28 12.47 11.95
C LEU A 302 -8.65 11.88 10.59
N PRO A 303 -8.34 12.58 9.48
CA PRO A 303 -8.64 12.05 8.14
C PRO A 303 -7.53 11.09 7.64
N ILE A 304 -7.34 9.99 8.35
CA ILE A 304 -6.38 8.97 7.98
C ILE A 304 -6.83 7.64 8.58
N GLY A 305 -6.64 6.54 7.86
CA GLY A 305 -7.14 5.23 8.28
C GLY A 305 -6.30 4.12 7.71
N TYR A 306 -6.84 2.90 7.72
CA TYR A 306 -6.04 1.72 7.33
C TYR A 306 -5.81 1.59 5.84
N ALA A 307 -6.62 2.24 5.01
CA ALA A 307 -6.34 2.32 3.57
C ALA A 307 -5.10 3.17 3.26
N ASP A 308 -4.66 3.98 4.24
CA ASP A 308 -3.42 4.75 4.15
C ASP A 308 -2.21 4.01 4.73
N GLY A 309 -2.44 2.86 5.34
CA GLY A 309 -1.38 2.10 5.99
C GLY A 309 -1.32 2.23 7.50
N TYR A 310 -2.21 3.04 8.10
CA TYR A 310 -2.34 3.12 9.57
C TYR A 310 -3.37 2.07 9.98
N LEU A 311 -2.85 0.84 10.19
CA LEU A 311 -3.65 -0.37 10.22
C LEU A 311 -4.55 -0.47 11.45
N ARG A 312 -5.53 -1.37 11.37
CA ARG A 312 -6.55 -1.51 12.42
C ARG A 312 -5.95 -1.80 13.79
N ILE A 313 -4.87 -2.58 13.81
CA ILE A 313 -4.18 -2.93 15.05
C ILE A 313 -3.61 -1.70 15.78
N MET A 314 -3.51 -0.55 15.13
CA MET A 314 -3.06 0.67 15.81
C MET A 314 -4.01 1.19 16.89
N GLN A 315 -5.22 0.63 16.98
CA GLN A 315 -6.15 0.94 18.08
C GLN A 315 -5.46 0.66 19.41
N GLY A 316 -5.52 1.63 20.32
CA GLY A 316 -4.82 1.55 21.60
C GLY A 316 -3.40 2.12 21.64
N SER A 317 -2.88 2.59 20.51
N SER A 317 -2.88 2.59 20.51
CA SER A 317 -1.58 3.21 20.49
CA SER A 317 -1.57 3.22 20.51
C SER A 317 -1.71 4.71 20.81
C SER A 317 -1.71 4.71 20.81
N PHE A 318 -0.57 5.40 20.90
CA PHE A 318 -0.53 6.80 21.28
C PHE A 318 0.04 7.64 20.16
N VAL A 319 -0.54 8.82 19.99
CA VAL A 319 -0.12 9.80 19.00
C VAL A 319 0.07 11.15 19.72
N ASN A 320 0.76 12.05 19.04
CA ASN A 320 1.17 13.34 19.61
C ASN A 320 0.34 14.49 18.98
N VAL A 321 -0.59 15.04 19.76
CA VAL A 321 -1.41 16.19 19.39
C VAL A 321 -0.91 17.42 20.17
N ASN A 322 -0.30 18.39 19.48
CA ASN A 322 0.28 19.62 20.11
C ASN A 322 1.15 19.36 21.34
N GLY A 323 1.91 18.28 21.34
CA GLY A 323 2.76 17.90 22.47
C GLY A 323 2.16 16.90 23.44
N HIS A 324 0.83 16.79 23.49
CA HIS A 324 0.14 15.88 24.41
C HIS A 324 0.03 14.46 23.84
N GLN A 325 0.29 13.46 24.67
CA GLN A 325 0.13 12.04 24.29
C GLN A 325 -1.33 11.60 24.40
N CYS A 326 -1.91 11.14 23.30
CA CYS A 326 -3.35 10.85 23.19
C CYS A 326 -3.64 9.45 22.63
N GLU A 327 -4.58 8.73 23.27
CA GLU A 327 -4.90 7.36 22.89
C GLU A 327 -5.81 7.30 21.65
N VAL A 328 -5.47 6.43 20.70
CA VAL A 328 -6.33 6.07 19.58
C VAL A 328 -7.44 5.16 20.09
N ILE A 329 -8.69 5.62 20.07
CA ILE A 329 -9.82 4.87 20.64
C ILE A 329 -10.85 4.46 19.59
N GLY A 330 -11.53 3.35 19.87
CA GLY A 330 -12.46 2.78 18.91
C GLY A 330 -11.74 2.22 17.68
N ARG A 331 -12.53 1.58 16.83
CA ARG A 331 -12.03 1.04 15.56
C ARG A 331 -11.41 2.09 14.65
N VAL A 332 -10.24 1.75 14.12
CA VAL A 332 -9.64 2.52 13.04
C VAL A 332 -10.43 2.14 11.78
N CYS A 333 -10.96 3.14 11.08
CA CYS A 333 -11.70 2.93 9.84
C CYS A 333 -10.80 3.01 8.63
N MET A 334 -11.38 2.70 7.46
CA MET A 334 -10.69 2.81 6.18
C MET A 334 -10.06 4.19 5.99
N ASP A 335 -10.83 5.23 6.31
CA ASP A 335 -10.47 6.63 6.04
C ASP A 335 -10.33 7.56 7.27
N GLN A 336 -10.61 7.05 8.47
CA GLN A 336 -10.63 7.86 9.69
C GLN A 336 -10.09 7.14 10.93
N THR A 337 -9.50 7.95 11.82
CA THR A 337 -8.99 7.51 13.10
C THR A 337 -9.56 8.45 14.17
N ILE A 338 -9.98 7.89 15.30
CA ILE A 338 -10.52 8.68 16.42
C ILE A 338 -9.52 8.69 17.60
N VAL A 339 -9.33 9.85 18.21
CA VAL A 339 -8.32 10.06 19.23
C VAL A 339 -8.94 10.75 20.44
N LYS A 340 -8.65 10.22 21.63
CA LYS A 340 -9.11 10.83 22.88
C LYS A 340 -8.20 11.99 23.23
N VAL A 341 -8.77 13.19 23.42
CA VAL A 341 -7.97 14.42 23.50
C VAL A 341 -8.37 15.34 24.67
N PRO A 342 -7.44 16.21 25.11
CA PRO A 342 -7.81 17.29 26.03
C PRO A 342 -8.80 18.27 25.41
N ASP A 343 -9.57 18.98 26.24
CA ASP A 343 -10.63 19.89 25.77
C ASP A 343 -10.15 21.05 24.89
N GLN A 344 -8.92 21.53 25.12
CA GLN A 344 -8.37 22.64 24.32
C GLN A 344 -8.04 22.27 22.86
N VAL A 345 -7.95 20.98 22.53
CA VAL A 345 -7.72 20.57 21.13
C VAL A 345 -8.92 20.96 20.26
N LYS A 346 -8.63 21.46 19.06
CA LYS A 346 -9.66 21.91 18.12
C LYS A 346 -9.25 21.58 16.69
N ALA A 347 -10.23 21.70 15.79
CA ALA A 347 -10.03 21.44 14.35
C ALA A 347 -8.87 22.29 13.83
N GLY A 348 -8.03 21.66 12.99
CA GLY A 348 -6.84 22.29 12.47
C GLY A 348 -5.55 21.98 13.19
N ASP A 349 -5.60 21.50 14.44
CA ASP A 349 -4.38 21.12 15.16
C ASP A 349 -3.73 19.92 14.46
N SER A 350 -2.41 19.98 14.31
CA SER A 350 -1.70 18.88 13.64
C SER A 350 -1.27 17.79 14.63
N VAL A 351 -1.22 16.56 14.13
CA VAL A 351 -0.98 15.37 14.94
C VAL A 351 0.17 14.58 14.32
N ILE A 352 1.18 14.24 15.12
CA ILE A 352 2.28 13.40 14.64
C ILE A 352 1.92 11.92 14.95
N LEU A 353 1.73 11.13 13.90
CA LEU A 353 1.44 9.71 14.05
C LEU A 353 2.72 8.86 13.96
N ILE A 354 3.65 9.27 13.10
CA ILE A 354 5.01 8.73 13.07
C ILE A 354 5.98 9.91 13.09
N ASP A 355 6.97 9.85 13.98
CA ASP A 355 7.91 10.96 14.17
C ASP A 355 9.32 10.64 13.69
N ASN A 356 10.07 11.69 13.30
CA ASN A 356 11.44 11.54 12.76
C ASN A 356 12.50 11.51 13.87
N HIS A 357 12.23 10.73 14.91
CA HIS A 357 13.13 10.55 16.03
C HIS A 357 13.01 9.09 16.50
N ARG A 358 14.15 8.50 16.84
CA ARG A 358 14.21 7.11 17.27
C ARG A 358 13.66 6.95 18.69
N GLU A 359 13.96 7.92 19.56
CA GLU A 359 13.57 7.89 20.95
C GLU A 359 12.27 8.68 21.12
N SER A 360 11.18 8.08 20.70
CA SER A 360 9.89 8.75 20.64
C SER A 360 8.81 7.69 20.84
N PRO A 361 7.73 8.01 21.58
CA PRO A 361 6.61 7.07 21.58
C PRO A 361 5.88 6.96 20.22
N GLN A 362 6.21 7.82 19.27
CA GLN A 362 5.74 7.70 17.89
C GLN A 362 6.84 7.28 16.90
N SER A 363 7.91 6.64 17.37
CA SER A 363 8.94 6.18 16.45
C SER A 363 8.45 5.05 15.54
N VAL A 364 9.14 4.83 14.44
CA VAL A 364 8.77 3.76 13.51
C VAL A 364 8.84 2.42 14.23
N GLU A 365 9.83 2.27 15.10
CA GLU A 365 10.03 1.03 15.85
C GLU A 365 8.91 0.74 16.87
N VAL A 366 8.39 1.78 17.52
CA VAL A 366 7.26 1.63 18.45
C VAL A 366 5.99 1.27 17.68
N VAL A 367 5.76 1.94 16.54
CA VAL A 367 4.67 1.59 15.65
C VAL A 367 4.82 0.14 15.16
N ALA A 368 6.05 -0.28 14.87
CA ALA A 368 6.30 -1.68 14.50
C ALA A 368 5.96 -2.69 15.61
N GLU A 369 6.28 -2.35 16.86
CA GLU A 369 5.92 -3.18 18.01
C GLU A 369 4.39 -3.33 18.11
N LYS A 370 3.67 -2.23 17.93
CA LYS A 370 2.20 -2.27 17.96
C LYS A 370 1.64 -3.18 16.85
N GLN A 371 2.24 -3.13 15.66
CA GLN A 371 1.83 -3.93 14.53
C GLN A 371 2.38 -5.37 14.55
N HIS A 372 3.17 -5.72 15.57
CA HIS A 372 3.77 -7.04 15.70
C HIS A 372 4.60 -7.37 14.46
N THR A 373 5.42 -6.41 14.04
CA THR A 373 6.23 -6.54 12.81
C THR A 373 7.57 -5.81 12.99
N ILE A 374 8.24 -5.50 11.89
CA ILE A 374 9.53 -4.81 11.88
C ILE A 374 9.39 -3.50 11.12
N ASN A 375 10.32 -2.57 11.38
CA ASN A 375 10.24 -1.21 10.82
C ASN A 375 10.06 -1.19 9.30
N TYR A 376 10.72 -2.12 8.61
CA TYR A 376 10.64 -2.29 7.15
C TYR A 376 9.18 -2.33 6.64
N GLU A 377 8.34 -3.11 7.33
CA GLU A 377 6.95 -3.28 6.93
C GLU A 377 6.09 -2.07 7.24
N VAL A 378 6.35 -1.39 8.36
CA VAL A 378 5.61 -0.15 8.69
C VAL A 378 5.71 0.89 7.56
N LEU A 379 6.92 1.04 7.01
CA LEU A 379 7.19 1.96 5.90
C LEU A 379 6.56 1.51 4.59
N CYS A 380 6.67 0.23 4.26
CA CYS A 380 6.07 -0.32 3.03
C CYS A 380 4.53 -0.29 2.99
N ASN A 381 3.90 -0.41 4.16
CA ASN A 381 2.43 -0.27 4.31
C ASN A 381 1.86 1.09 3.88
N LEU A 382 2.68 2.13 3.92
CA LEU A 382 2.20 3.49 3.65
C LEU A 382 1.75 3.61 2.18
N SER A 383 0.45 3.82 1.97
CA SER A 383 -0.16 3.59 0.66
C SER A 383 0.00 4.76 -0.31
N ARG A 384 -0.39 4.52 -1.55
CA ARG A 384 -0.35 5.52 -2.60
C ARG A 384 -1.22 6.78 -2.33
N ARG A 385 -2.17 6.68 -1.40
CA ARG A 385 -3.09 7.77 -1.11
C ARG A 385 -2.47 8.87 -0.27
N LEU A 386 -1.41 8.56 0.46
CA LEU A 386 -0.67 9.59 1.18
C LEU A 386 0.24 10.37 0.22
N PRO A 387 0.06 11.71 0.17
CA PRO A 387 1.09 12.49 -0.51
C PRO A 387 2.42 12.41 0.20
N ARG A 388 3.49 12.46 -0.58
CA ARG A 388 4.84 12.63 -0.07
C ARG A 388 5.23 14.08 -0.28
N ILE A 389 5.58 14.76 0.80
CA ILE A 389 6.05 16.15 0.75
C ILE A 389 7.54 16.16 1.06
N TYR A 390 8.34 16.50 0.05
CA TYR A 390 9.78 16.39 0.16
C TYR A 390 10.39 17.69 0.62
N HIS A 391 11.35 17.60 1.52
CA HIS A 391 12.08 18.74 2.07
C HIS A 391 13.52 18.64 1.61
N ASP A 392 13.98 19.69 0.94
CA ASP A 392 15.37 19.85 0.55
C ASP A 392 15.78 21.28 0.86
N GLY A 393 16.39 21.46 2.02
CA GLY A 393 16.76 22.78 2.51
C GLY A 393 15.47 23.52 2.77
N ASP A 394 15.31 24.65 2.11
CA ASP A 394 14.07 25.44 2.18
C ASP A 394 13.05 25.09 1.07
N GLN A 395 13.43 24.25 0.09
CA GLN A 395 12.52 23.82 -0.97
C GLN A 395 11.54 22.72 -0.51
N ARG A 396 10.32 22.79 -1.03
CA ARG A 396 9.23 21.89 -0.68
C ARG A 396 8.53 21.48 -1.96
N PHE A 397 8.41 20.17 -2.23
CA PHE A 397 7.65 19.69 -3.40
C PHE A 397 6.91 18.41 -3.08
N VAL A 398 5.83 18.16 -3.82
CA VAL A 398 4.85 17.15 -3.48
C VAL A 398 4.59 16.12 -4.59
N THR A 399 4.55 14.84 -4.21
N THR A 399 4.56 14.84 -4.22
CA THR A 399 4.04 13.76 -5.06
CA THR A 399 4.04 13.78 -5.08
C THR A 399 2.73 13.23 -4.48
C THR A 399 2.73 13.23 -4.48
N ASN A 400 1.67 13.28 -5.29
CA ASN A 400 0.38 12.72 -4.94
C ASN A 400 0.02 11.81 -6.10
N GLU A 401 0.14 10.50 -5.90
CA GLU A 401 -0.06 9.51 -6.96
C GLU A 401 -1.47 9.55 -7.61
N LEU A 402 -2.48 9.94 -6.85
CA LEU A 402 -3.86 10.01 -7.40
C LEU A 402 -4.01 11.02 -8.53
N LEU A 403 -3.20 12.08 -8.50
CA LEU A 403 -3.28 13.14 -9.50
C LEU A 403 -2.16 13.11 -10.58
N LYS A 404 -1.30 12.08 -10.56
CA LYS A 404 -0.37 11.69 -11.68
C LYS A 404 -1.02 10.73 -12.71
N ALA B 21 4.54 9.13 -23.54
CA ALA B 21 3.50 8.12 -23.18
C ALA B 21 4.08 7.05 -22.24
N GLY B 22 3.25 6.56 -21.34
CA GLY B 22 3.64 5.50 -20.43
C GLY B 22 3.71 4.12 -21.09
N PHE B 23 4.17 3.16 -20.30
CA PHE B 23 4.06 1.73 -20.63
C PHE B 23 3.19 1.03 -19.58
N SER B 24 2.11 1.68 -19.13
CA SER B 24 1.30 1.19 -18.00
C SER B 24 0.48 -0.06 -18.33
N ASP B 25 0.33 -0.35 -19.62
CA ASP B 25 -0.24 -1.63 -20.05
C ASP B 25 0.75 -2.81 -19.98
N LYS B 26 2.04 -2.55 -19.85
CA LYS B 26 3.03 -3.62 -19.75
C LYS B 26 3.42 -3.87 -18.30
N TYR B 27 3.91 -5.08 -18.03
CA TYR B 27 4.47 -5.41 -16.74
C TYR B 27 5.52 -6.53 -16.82
N TYR B 28 6.51 -6.46 -15.93
CA TYR B 28 7.76 -7.20 -16.11
C TYR B 28 8.17 -8.06 -14.89
N ARG B 29 7.19 -8.42 -14.06
CA ARG B 29 7.37 -9.42 -13.01
C ARG B 29 6.12 -10.28 -12.96
N SER B 30 6.29 -11.60 -12.76
CA SER B 30 5.16 -12.54 -12.76
C SER B 30 4.42 -12.58 -11.43
N ALA B 31 3.77 -11.48 -11.10
CA ALA B 31 2.97 -11.36 -9.88
C ALA B 31 1.98 -10.25 -10.16
N TYR B 32 0.70 -10.51 -9.92
CA TYR B 32 -0.34 -9.61 -10.37
C TYR B 32 -1.69 -9.94 -9.76
N MET B 33 -2.62 -8.97 -9.86
CA MET B 33 -4.02 -9.17 -9.49
C MET B 33 -4.87 -9.37 -10.75
N ASN B 34 -5.68 -10.43 -10.79
CA ASN B 34 -6.79 -10.51 -11.76
C ASN B 34 -8.00 -9.81 -11.14
N VAL B 35 -8.60 -8.87 -11.86
CA VAL B 35 -9.80 -8.17 -11.40
C VAL B 35 -10.92 -8.44 -12.40
N ASP B 36 -11.95 -9.14 -11.93
CA ASP B 36 -13.07 -9.58 -12.75
C ASP B 36 -14.13 -8.47 -12.79
N LEU B 37 -14.12 -7.69 -13.86
CA LEU B 37 -15.05 -6.59 -13.98
C LEU B 37 -16.51 -7.04 -14.19
N ASN B 38 -16.71 -8.21 -14.78
CA ASN B 38 -18.07 -8.74 -14.98
C ASN B 38 -18.68 -9.15 -13.66
N ALA B 39 -17.89 -9.76 -12.78
CA ALA B 39 -18.29 -9.99 -11.39
C ALA B 39 -18.75 -8.69 -10.70
N VAL B 40 -17.98 -7.61 -10.88
CA VAL B 40 -18.31 -6.33 -10.23
C VAL B 40 -19.66 -5.76 -10.77
N ALA B 41 -19.86 -5.83 -12.09
CA ALA B 41 -21.10 -5.38 -12.73
C ALA B 41 -22.29 -6.21 -12.29
N SER B 42 -22.06 -7.51 -12.17
CA SER B 42 -23.03 -8.48 -11.70
C SER B 42 -23.51 -8.15 -10.28
N ASN B 43 -22.58 -7.76 -9.41
CA ASN B 43 -22.89 -7.42 -8.00
C ASN B 43 -23.63 -6.08 -7.89
N PHE B 44 -23.15 -5.09 -8.64
CA PHE B 44 -23.87 -3.83 -8.82
C PHE B 44 -25.35 -4.06 -9.24
N LYS B 45 -25.54 -4.96 -10.19
CA LYS B 45 -26.87 -5.26 -10.73
C LYS B 45 -27.77 -6.00 -9.68
N VAL B 46 -27.14 -6.78 -8.80
CA VAL B 46 -27.83 -7.39 -7.64
C VAL B 46 -28.44 -6.30 -6.75
N PHE B 47 -27.64 -5.30 -6.40
CA PHE B 47 -28.12 -4.20 -5.56
C PHE B 47 -29.22 -3.35 -6.19
N SER B 48 -29.10 -2.99 -7.47
CA SER B 48 -30.16 -2.23 -8.15
CA SER B 48 -30.14 -2.24 -8.17
C SER B 48 -31.45 -3.04 -8.26
N THR B 49 -31.33 -4.36 -8.32
CA THR B 49 -32.48 -5.27 -8.33
C THR B 49 -33.14 -5.39 -6.95
N LEU B 50 -32.33 -5.42 -5.89
CA LEU B 50 -32.86 -5.38 -4.51
C LEU B 50 -33.53 -4.04 -4.18
N HIS B 51 -33.04 -2.95 -4.77
CA HIS B 51 -33.56 -1.62 -4.52
C HIS B 51 -33.93 -0.92 -5.84
N PRO B 52 -34.97 -1.40 -6.52
CA PRO B 52 -35.32 -0.90 -7.85
C PRO B 52 -35.74 0.59 -7.94
N ASN B 53 -36.21 1.19 -6.84
CA ASN B 53 -36.58 2.61 -6.83
C ASN B 53 -35.53 3.52 -6.14
N LYS B 54 -34.29 3.05 -6.01
CA LYS B 54 -33.21 3.82 -5.40
C LYS B 54 -32.05 4.01 -6.36
N THR B 55 -31.39 5.17 -6.27
CA THR B 55 -30.10 5.39 -6.90
C THR B 55 -29.05 4.57 -6.13
N VAL B 56 -28.24 3.79 -6.84
CA VAL B 56 -27.13 3.06 -6.23
C VAL B 56 -25.89 3.95 -6.31
N MET B 57 -25.57 4.60 -5.20
CA MET B 57 -24.35 5.40 -5.10
C MET B 57 -23.16 4.47 -4.80
N ALA B 58 -22.49 4.02 -5.85
CA ALA B 58 -21.40 3.06 -5.71
C ALA B 58 -20.21 3.63 -4.98
N VAL B 59 -19.79 2.98 -3.90
CA VAL B 59 -18.66 3.48 -3.12
C VAL B 59 -17.36 2.94 -3.72
N VAL B 60 -16.56 3.84 -4.30
CA VAL B 60 -15.27 3.50 -4.94
C VAL B 60 -14.09 4.21 -4.27
N LYS B 61 -14.24 4.55 -2.99
CA LYS B 61 -13.14 5.09 -2.20
C LYS B 61 -11.99 4.08 -2.06
N ALA B 62 -10.86 4.60 -1.58
CA ALA B 62 -9.65 3.80 -1.34
C ALA B 62 -9.28 2.99 -2.59
N ASN B 63 -9.30 3.68 -3.73
CA ASN B 63 -9.01 3.06 -5.01
C ASN B 63 -9.90 1.82 -5.27
N ALA B 64 -11.22 1.99 -5.02
CA ALA B 64 -12.20 0.90 -5.14
C ALA B 64 -11.74 -0.33 -4.31
N TYR B 65 -11.38 -0.05 -3.07
CA TYR B 65 -10.94 -1.08 -2.13
C TYR B 65 -9.78 -1.90 -2.70
N GLY B 66 -8.86 -1.21 -3.42
CA GLY B 66 -7.70 -1.83 -4.06
C GLY B 66 -7.83 -2.36 -5.48
N LEU B 67 -9.05 -2.42 -6.02
CA LEU B 67 -9.24 -2.89 -7.41
C LEU B 67 -8.85 -1.87 -8.50
N GLY B 68 -8.88 -0.58 -8.18
CA GLY B 68 -8.65 0.50 -9.15
C GLY B 68 -9.90 1.34 -9.38
N SER B 69 -9.97 2.50 -8.72
CA SER B 69 -11.18 3.33 -8.77
C SER B 69 -11.55 3.78 -10.17
N VAL B 70 -10.57 4.16 -10.96
CA VAL B 70 -10.79 4.64 -12.31
C VAL B 70 -11.45 3.58 -13.21
N LYS B 71 -10.85 2.38 -13.27
CA LYS B 71 -11.36 1.33 -14.16
C LYS B 71 -12.73 0.81 -13.71
N VAL B 72 -12.90 0.66 -12.39
CA VAL B 72 -14.17 0.22 -11.83
C VAL B 72 -15.31 1.21 -12.09
N ALA B 73 -15.07 2.49 -11.81
CA ALA B 73 -16.07 3.54 -12.00
C ALA B 73 -16.47 3.61 -13.46
N ARG B 74 -15.47 3.60 -14.34
CA ARG B 74 -15.72 3.61 -15.79
C ARG B 74 -16.58 2.42 -16.25
N HIS B 75 -16.27 1.23 -15.71
CA HIS B 75 -17.01 0.01 -16.07
C HIS B 75 -18.43 0.06 -15.51
N LEU B 76 -18.58 0.60 -14.31
CA LEU B 76 -19.90 0.75 -13.70
C LEU B 76 -20.75 1.79 -14.42
N MET B 77 -20.13 2.86 -14.92
CA MET B 77 -20.86 3.84 -15.74
C MET B 77 -21.36 3.19 -17.01
N GLU B 78 -20.55 2.39 -17.67
CA GLU B 78 -21.02 1.62 -18.83
C GLU B 78 -22.22 0.72 -18.53
N ASN B 79 -22.40 0.33 -17.26
CA ASN B 79 -23.50 -0.52 -16.81
C ASN B 79 -24.61 0.25 -16.03
N GLY B 80 -24.73 1.56 -16.27
CA GLY B 80 -25.81 2.36 -15.70
C GLY B 80 -25.55 3.17 -14.43
N ALA B 81 -24.36 3.12 -13.85
CA ALA B 81 -24.11 3.86 -12.62
C ALA B 81 -24.09 5.37 -12.89
N THR B 82 -24.78 6.14 -12.06
CA THR B 82 -24.87 7.60 -12.24
C THR B 82 -24.33 8.44 -11.07
N PHE B 83 -23.91 7.80 -9.98
CA PHE B 83 -23.50 8.48 -8.76
C PHE B 83 -22.44 7.60 -8.07
N PHE B 84 -21.33 8.21 -7.65
CA PHE B 84 -20.26 7.53 -6.92
C PHE B 84 -19.97 8.28 -5.65
N ALA B 85 -19.41 7.58 -4.68
CA ALA B 85 -18.90 8.20 -3.44
C ALA B 85 -17.45 7.83 -3.26
N VAL B 86 -16.67 8.79 -2.76
CA VAL B 86 -15.26 8.63 -2.46
C VAL B 86 -14.96 9.28 -1.12
N ALA B 87 -13.75 9.08 -0.62
CA ALA B 87 -13.37 9.58 0.70
C ALA B 87 -12.84 11.01 0.65
N THR B 88 -12.16 11.36 -0.44
CA THR B 88 -11.38 12.58 -0.50
C THR B 88 -11.64 13.27 -1.84
N LEU B 89 -11.38 14.58 -1.90
CA LEU B 89 -11.46 15.32 -3.16
C LEU B 89 -10.40 14.85 -4.19
N ASP B 90 -9.23 14.44 -3.72
CA ASP B 90 -8.21 13.88 -4.61
C ASP B 90 -8.78 12.69 -5.39
N GLU B 91 -9.46 11.79 -4.69
CA GLU B 91 -10.13 10.63 -5.31
C GLU B 91 -11.19 11.03 -6.33
N ALA B 92 -11.96 12.08 -6.03
CA ALA B 92 -12.96 12.64 -6.93
C ALA B 92 -12.35 13.29 -8.16
N ILE B 93 -11.32 14.12 -7.96
CA ILE B 93 -10.61 14.73 -9.08
C ILE B 93 -9.94 13.67 -9.97
N GLU B 94 -9.36 12.63 -9.37
CA GLU B 94 -8.80 11.50 -10.13
C GLU B 94 -9.87 10.92 -11.06
N LEU B 95 -11.09 10.72 -10.56
CA LEU B 95 -12.17 10.24 -11.40
C LEU B 95 -12.49 11.21 -12.54
N ARG B 96 -12.54 12.51 -12.25
CA ARG B 96 -12.83 13.53 -13.28
C ARG B 96 -11.77 13.61 -14.38
N MET B 97 -10.49 13.53 -13.99
CA MET B 97 -9.38 13.54 -14.94
C MET B 97 -9.41 12.37 -15.92
N HIS B 98 -10.03 11.27 -15.52
CA HIS B 98 -10.05 10.04 -16.32
C HIS B 98 -11.45 9.77 -16.91
N GLY B 99 -12.27 10.81 -17.03
CA GLY B 99 -13.47 10.77 -17.86
C GLY B 99 -14.78 10.47 -17.16
N ILE B 100 -14.80 10.34 -15.84
CA ILE B 100 -16.03 10.05 -15.12
C ILE B 100 -16.88 11.33 -15.09
N THR B 101 -18.08 11.25 -15.66
CA THR B 101 -19.06 12.36 -15.68
C THR B 101 -20.26 12.16 -14.75
N ALA B 102 -20.31 11.06 -14.03
CA ALA B 102 -21.32 10.87 -12.98
C ALA B 102 -21.17 11.90 -11.84
N LYS B 103 -22.22 11.99 -11.04
CA LYS B 103 -22.16 12.77 -9.80
C LYS B 103 -21.21 12.07 -8.84
N ILE B 104 -20.47 12.86 -8.06
CA ILE B 104 -19.52 12.32 -7.09
C ILE B 104 -19.73 13.03 -5.76
N LEU B 105 -19.78 12.25 -4.68
CA LEU B 105 -19.84 12.79 -3.32
C LEU B 105 -18.54 12.45 -2.59
N VAL B 106 -17.93 13.47 -1.99
CA VAL B 106 -16.81 13.28 -1.09
C VAL B 106 -17.40 13.10 0.31
N LEU B 107 -17.11 11.95 0.91
CA LEU B 107 -17.65 11.58 2.24
C LEU B 107 -16.85 12.19 3.39
N GLY B 108 -15.57 12.45 3.18
CA GLY B 108 -14.76 13.12 4.19
C GLY B 108 -14.92 14.61 4.18
N VAL B 109 -14.12 15.28 5.01
CA VAL B 109 -14.19 16.72 5.21
C VAL B 109 -13.14 17.42 4.37
N LEU B 110 -13.57 18.22 3.41
CA LEU B 110 -12.67 19.04 2.62
C LEU B 110 -12.12 20.18 3.48
N PRO B 111 -10.80 20.45 3.39
CA PRO B 111 -10.26 21.73 3.92
C PRO B 111 -10.94 22.93 3.26
N ALA B 112 -11.44 23.85 4.07
CA ALA B 112 -12.16 25.03 3.58
C ALA B 112 -11.38 25.85 2.54
N LYS B 113 -10.06 25.94 2.66
CA LYS B 113 -9.26 26.69 1.67
C LYS B 113 -9.38 26.11 0.23
N ASP B 114 -9.72 24.81 0.11
CA ASP B 114 -9.84 24.14 -1.18
C ASP B 114 -11.24 24.14 -1.81
N ILE B 115 -12.17 24.90 -1.24
CA ILE B 115 -13.56 24.93 -1.69
C ILE B 115 -13.74 25.22 -3.20
N ASP B 116 -12.96 26.15 -3.74
CA ASP B 116 -13.04 26.50 -5.17
C ASP B 116 -12.74 25.34 -6.14
N LYS B 117 -11.83 24.43 -5.76
CA LYS B 117 -11.57 23.25 -6.58
C LYS B 117 -12.74 22.26 -6.66
N ALA B 118 -13.51 22.13 -5.59
CA ALA B 118 -14.70 21.27 -5.60
C ALA B 118 -15.80 21.86 -6.51
N ILE B 119 -15.96 23.18 -6.46
CA ILE B 119 -16.93 23.88 -7.30
C ILE B 119 -16.54 23.75 -8.76
N GLN B 120 -15.27 24.05 -9.05
CA GLN B 120 -14.77 23.97 -10.43
C GLN B 120 -15.02 22.58 -11.07
N HIS B 121 -14.70 21.51 -10.33
CA HIS B 121 -14.86 20.15 -10.83
C HIS B 121 -16.21 19.48 -10.59
N ARG B 122 -17.22 20.22 -10.11
CA ARG B 122 -18.58 19.68 -10.03
C ARG B 122 -18.71 18.46 -9.13
N VAL B 123 -18.11 18.58 -7.95
CA VAL B 123 -18.03 17.53 -6.97
C VAL B 123 -18.81 17.95 -5.73
N ALA B 124 -19.69 17.06 -5.26
CA ALA B 124 -20.51 17.35 -4.10
C ALA B 124 -19.69 17.09 -2.84
N LEU B 125 -19.92 17.91 -1.81
CA LEU B 125 -19.21 17.82 -0.55
C LEU B 125 -20.12 17.50 0.64
N THR B 126 -19.52 16.92 1.67
CA THR B 126 -20.15 16.65 2.94
C THR B 126 -20.05 17.86 3.88
N VAL B 127 -21.16 18.22 4.52
CA VAL B 127 -21.18 19.23 5.59
C VAL B 127 -21.21 18.48 6.94
N PRO B 128 -20.08 18.51 7.69
CA PRO B 128 -20.02 17.80 8.97
C PRO B 128 -20.46 18.62 10.18
N SER B 129 -20.51 19.94 10.05
CA SER B 129 -20.80 20.84 11.17
C SER B 129 -21.21 22.22 10.65
N LYS B 130 -21.80 23.03 11.51
CA LYS B 130 -22.15 24.40 11.13
C LYS B 130 -20.89 25.25 10.93
N GLN B 131 -19.87 25.00 11.74
CA GLN B 131 -18.63 25.80 11.66
C GLN B 131 -17.89 25.61 10.32
N TRP B 132 -17.79 24.36 9.87
CA TRP B 132 -17.23 24.06 8.56
C TRP B 132 -17.90 24.87 7.47
N LEU B 133 -19.23 24.87 7.43
CA LEU B 133 -19.97 25.55 6.36
C LEU B 133 -19.68 27.02 6.32
N LYS B 134 -19.59 27.67 7.47
CA LYS B 134 -19.19 29.09 7.54
C LYS B 134 -17.77 29.34 7.04
N GLU B 135 -16.82 28.47 7.39
CA GLU B 135 -15.46 28.56 6.87
C GLU B 135 -15.45 28.39 5.36
N ALA B 136 -16.20 27.42 4.86
CA ALA B 136 -16.29 27.16 3.43
C ALA B 136 -16.83 28.37 2.66
N ILE B 137 -17.88 29.01 3.18
CA ILE B 137 -18.44 30.21 2.56
C ILE B 137 -17.40 31.33 2.45
N LYS B 138 -16.64 31.57 3.54
CA LYS B 138 -15.58 32.59 3.60
C LYS B 138 -14.48 32.40 2.57
N ASN B 139 -14.23 31.16 2.16
CA ASN B 139 -13.18 30.85 1.19
C ASN B 139 -13.66 30.77 -0.26
N ILE B 140 -14.93 31.08 -0.52
CA ILE B 140 -15.44 31.12 -1.90
C ILE B 140 -15.04 32.46 -2.51
N SER B 141 -14.16 32.42 -3.51
CA SER B 141 -13.52 33.64 -4.02
C SER B 141 -14.40 34.44 -4.98
N GLY B 142 -15.33 33.78 -5.66
CA GLY B 142 -16.10 34.39 -6.74
C GLY B 142 -15.62 34.01 -8.15
N GLU B 143 -14.47 33.35 -8.23
CA GLU B 143 -13.84 33.01 -9.52
C GLU B 143 -14.51 31.77 -10.13
N GLN B 144 -15.01 30.87 -9.28
CA GLN B 144 -15.81 29.72 -9.69
C GLN B 144 -17.27 29.98 -9.31
N GLU B 145 -18.11 30.25 -10.32
CA GLU B 145 -19.49 30.72 -10.10
C GLU B 145 -20.58 29.65 -10.22
N LYS B 146 -20.20 28.39 -10.49
CA LYS B 146 -21.16 27.28 -10.55
C LYS B 146 -21.66 26.88 -9.16
N LYS B 147 -22.74 26.10 -9.15
CA LYS B 147 -23.40 25.72 -7.91
C LYS B 147 -22.54 24.73 -7.14
N LEU B 148 -22.60 24.82 -5.81
CA LEU B 148 -21.93 23.90 -4.92
C LEU B 148 -22.95 22.96 -4.31
N TRP B 149 -22.90 21.69 -4.71
CA TRP B 149 -23.76 20.65 -4.19
C TRP B 149 -23.32 20.12 -2.83
N LEU B 150 -24.24 20.13 -1.86
CA LEU B 150 -23.95 19.77 -0.48
C LEU B 150 -24.86 18.66 0.03
N HIS B 151 -24.24 17.69 0.71
CA HIS B 151 -24.95 16.63 1.40
C HIS B 151 -24.62 16.76 2.88
N ILE B 152 -25.64 16.91 3.72
CA ILE B 152 -25.41 17.16 5.14
C ILE B 152 -25.27 15.81 5.83
N LYS B 153 -24.20 15.63 6.59
CA LYS B 153 -23.96 14.41 7.35
C LYS B 153 -24.60 14.55 8.71
N LEU B 154 -25.47 13.60 9.09
CA LEU B 154 -26.04 13.48 10.43
C LEU B 154 -25.39 12.34 11.21
N ASP B 155 -24.90 12.63 12.41
CA ASP B 155 -24.41 11.63 13.36
C ASP B 155 -25.61 11.15 14.17
N THR B 156 -25.99 9.92 13.94
CA THR B 156 -27.14 9.31 14.62
C THR B 156 -26.74 8.26 15.65
N GLY B 157 -25.45 8.17 16.02
CA GLY B 157 -24.94 7.16 16.96
C GLY B 157 -23.52 6.65 16.72
N MET B 158 -23.07 6.69 15.46
CA MET B 158 -21.70 6.30 15.05
C MET B 158 -20.59 7.06 15.82
N GLY B 159 -20.86 8.30 16.21
CA GLY B 159 -19.94 9.11 16.99
C GLY B 159 -18.75 9.66 16.23
N ARG B 160 -18.73 9.49 14.91
CA ARG B 160 -17.65 9.99 14.06
C ARG B 160 -18.06 11.39 13.51
N LEU B 161 -18.09 11.60 12.20
CA LEU B 161 -18.47 12.89 11.62
C LEU B 161 -19.97 13.11 11.67
N GLY B 162 -20.34 14.39 11.69
CA GLY B 162 -21.71 14.83 11.44
C GLY B 162 -22.39 15.57 12.57
N ILE B 163 -23.56 16.10 12.24
CA ILE B 163 -24.37 16.92 13.12
C ILE B 163 -25.26 16.00 13.91
N LYS B 164 -25.34 16.22 15.21
CA LYS B 164 -26.10 15.31 16.05
C LYS B 164 -27.41 15.85 16.60
N ASP B 165 -27.64 17.16 16.45
CA ASP B 165 -28.87 17.77 16.93
C ASP B 165 -29.70 18.39 15.81
N THR B 166 -31.01 18.34 15.98
CA THR B 166 -31.94 18.78 14.96
C THR B 166 -31.85 20.30 14.68
N ASN B 167 -31.72 21.13 15.72
CA ASN B 167 -31.64 22.57 15.52
C ASN B 167 -30.46 22.99 14.66
N THR B 168 -29.31 22.38 14.86
CA THR B 168 -28.12 22.64 14.05
C THR B 168 -28.34 22.25 12.59
N TYR B 169 -28.95 21.09 12.39
CA TYR B 169 -29.33 20.62 11.06
C TYR B 169 -30.22 21.66 10.34
N GLN B 170 -31.22 22.17 11.05
CA GLN B 170 -32.13 23.19 10.49
C GLN B 170 -31.41 24.50 10.17
N GLU B 171 -30.51 24.94 11.06
CA GLU B 171 -29.75 26.17 10.86
C GLU B 171 -28.86 26.09 9.62
N VAL B 172 -28.26 24.92 9.41
CA VAL B 172 -27.41 24.68 8.24
C VAL B 172 -28.22 24.82 6.93
N ILE B 173 -29.42 24.26 6.91
CA ILE B 173 -30.27 24.34 5.73
C ILE B 173 -30.66 25.80 5.51
N GLU B 174 -31.03 26.50 6.57
CA GLU B 174 -31.39 27.91 6.46
C GLU B 174 -30.23 28.78 5.93
N ILE B 175 -28.99 28.48 6.33
CA ILE B 175 -27.82 29.14 5.77
C ILE B 175 -27.71 28.84 4.26
N ILE B 176 -27.84 27.57 3.88
CA ILE B 176 -27.77 27.16 2.47
C ILE B 176 -28.85 27.85 1.63
N GLN B 177 -30.04 28.03 2.22
CA GLN B 177 -31.14 28.68 1.53
C GLN B 177 -30.95 30.17 1.30
N GLN B 178 -30.08 30.85 2.06
CA GLN B 178 -29.76 32.28 1.84
C GLN B 178 -28.74 32.55 0.75
N TYR B 179 -28.09 31.52 0.20
CA TYR B 179 -27.10 31.68 -0.85
C TYR B 179 -27.52 30.88 -2.07
N GLU B 180 -27.66 31.59 -3.18
CA GLU B 180 -28.10 30.99 -4.44
C GLU B 180 -27.07 30.03 -4.98
N GLN B 181 -25.79 30.24 -4.66
CA GLN B 181 -24.74 29.33 -5.09
C GLN B 181 -24.75 27.96 -4.37
N LEU B 182 -25.25 27.91 -3.13
CA LEU B 182 -25.25 26.66 -2.34
C LEU B 182 -26.54 25.88 -2.51
N VAL B 183 -26.43 24.61 -2.90
CA VAL B 183 -27.58 23.70 -3.07
C VAL B 183 -27.62 22.60 -1.99
N PHE B 184 -28.79 22.46 -1.36
CA PHE B 184 -29.05 21.35 -0.44
C PHE B 184 -29.47 20.13 -1.25
N GLU B 185 -28.48 19.37 -1.71
CA GLU B 185 -28.71 18.22 -2.58
C GLU B 185 -29.09 16.95 -1.83
N GLY B 186 -28.51 16.74 -0.64
CA GLY B 186 -28.70 15.49 0.09
C GLY B 186 -28.51 15.53 1.59
N VAL B 187 -29.00 14.49 2.26
CA VAL B 187 -28.76 14.28 3.70
C VAL B 187 -28.49 12.81 3.94
N PHE B 188 -27.58 12.50 4.86
CA PHE B 188 -27.20 11.13 5.11
C PHE B 188 -26.66 10.85 6.50
N THR B 189 -26.68 9.56 6.85
CA THR B 189 -26.01 9.06 8.04
C THR B 189 -25.32 7.72 7.72
N HIS B 190 -24.67 7.15 8.73
CA HIS B 190 -23.93 5.93 8.57
C HIS B 190 -24.07 5.02 9.79
N PHE B 191 -24.25 3.74 9.55
CA PHE B 191 -24.40 2.73 10.59
C PHE B 191 -23.08 2.17 11.12
N ALA B 192 -23.00 2.09 12.43
CA ALA B 192 -21.89 1.46 13.14
C ALA B 192 -21.93 -0.08 13.14
N CYS B 193 -23.12 -0.64 13.41
CA CYS B 193 -23.28 -2.08 13.73
C CYS B 193 -24.27 -2.84 12.83
N ALA B 194 -24.41 -2.38 11.57
CA ALA B 194 -25.35 -3.01 10.62
C ALA B 194 -24.99 -4.46 10.28
N ASP B 195 -23.73 -4.85 10.51
CA ASP B 195 -23.22 -6.21 10.24
C ASP B 195 -23.21 -7.14 11.46
N GLU B 196 -23.70 -6.68 12.61
CA GLU B 196 -23.88 -7.51 13.80
C GLU B 196 -25.36 -7.46 14.22
N PRO B 197 -25.83 -8.46 14.98
CA PRO B 197 -27.21 -8.45 15.49
C PRO B 197 -27.39 -7.35 16.54
N GLY B 198 -28.64 -7.02 16.82
CA GLY B 198 -29.00 -6.06 17.88
C GLY B 198 -29.78 -4.85 17.41
N ASP B 199 -30.22 -4.04 18.37
CA ASP B 199 -31.09 -2.91 18.10
C ASP B 199 -30.45 -1.64 17.55
N MET B 200 -29.13 -1.54 17.52
CA MET B 200 -28.49 -0.25 17.28
C MET B 200 -28.85 0.33 15.91
N THR B 201 -28.86 -0.53 14.90
CA THR B 201 -29.16 -0.09 13.53
C THR B 201 -30.62 0.45 13.40
N THR B 202 -31.58 -0.25 13.98
CA THR B 202 -32.97 0.20 14.05
C THR B 202 -33.10 1.58 14.70
N GLU B 203 -32.47 1.73 15.86
CA GLU B 203 -32.46 2.99 16.60
C GLU B 203 -31.86 4.16 15.82
N GLN B 204 -30.73 3.91 15.14
CA GLN B 204 -30.08 4.94 14.30
C GLN B 204 -30.97 5.36 13.12
N TYR B 205 -31.64 4.40 12.51
CA TYR B 205 -32.54 4.63 11.39
C TYR B 205 -33.74 5.48 11.82
N GLN B 206 -34.35 5.13 12.95
CA GLN B 206 -35.44 5.94 13.50
C GLN B 206 -35.01 7.37 13.84
N ARG B 207 -33.82 7.52 14.42
CA ARG B 207 -33.25 8.83 14.76
C ARG B 207 -33.04 9.67 13.49
N PHE B 208 -32.50 9.03 12.46
CA PHE B 208 -32.28 9.66 11.16
C PHE B 208 -33.59 10.20 10.60
N LYS B 209 -34.66 9.41 10.65
CA LYS B 209 -35.98 9.86 10.17
C LYS B 209 -36.50 11.02 11.01
N ASP B 210 -36.37 10.88 12.32
CA ASP B 210 -36.82 11.92 13.23
C ASP B 210 -36.21 13.29 12.92
N MET B 211 -34.92 13.33 12.62
CA MET B 211 -34.22 14.57 12.30
C MET B 211 -34.68 15.10 10.92
N VAL B 212 -34.65 14.21 9.93
CA VAL B 212 -34.96 14.55 8.54
C VAL B 212 -36.40 15.06 8.37
N ASN B 213 -37.30 14.52 9.19
CA ASN B 213 -38.71 14.94 9.22
C ASN B 213 -38.97 16.31 9.84
N GLU B 214 -37.97 16.91 10.52
CA GLU B 214 -38.11 18.27 11.03
C GLU B 214 -37.62 19.36 10.07
N ALA B 215 -37.35 19.02 8.81
CA ALA B 215 -36.95 20.03 7.82
C ALA B 215 -37.38 19.64 6.42
N ILE B 216 -37.35 20.61 5.51
CA ILE B 216 -37.57 20.34 4.08
C ILE B 216 -36.63 19.19 3.62
N LYS B 217 -37.15 18.27 2.81
CA LYS B 217 -36.38 17.12 2.34
C LYS B 217 -35.62 17.44 1.06
N PRO B 218 -34.34 17.02 0.96
CA PRO B 218 -33.56 17.17 -0.27
C PRO B 218 -33.83 16.05 -1.27
N GLU B 219 -33.26 16.19 -2.47
CA GLU B 219 -33.36 15.19 -3.54
C GLU B 219 -32.87 13.81 -3.12
N TYR B 220 -31.71 13.74 -2.46
CA TYR B 220 -31.12 12.44 -2.04
C TYR B 220 -31.14 12.24 -0.52
N ILE B 221 -31.69 11.12 -0.08
CA ILE B 221 -31.73 10.71 1.34
C ILE B 221 -31.12 9.29 1.41
N HIS B 222 -29.97 9.15 2.09
CA HIS B 222 -29.22 7.89 2.12
C HIS B 222 -28.63 7.50 3.49
N CYS B 223 -28.75 6.22 3.83
CA CYS B 223 -28.19 5.70 5.09
C CYS B 223 -27.54 4.32 5.06
N GLN B 224 -27.65 3.55 3.97
CA GLN B 224 -27.30 2.14 3.96
C GLN B 224 -25.94 1.87 3.26
N ASN B 225 -25.02 1.26 4.01
CA ASN B 225 -23.82 0.64 3.45
C ASN B 225 -24.18 -0.75 2.86
N SER B 226 -23.17 -1.59 2.55
CA SER B 226 -23.41 -2.95 2.05
C SER B 226 -24.34 -3.77 2.97
N ALA B 227 -24.08 -3.70 4.26
CA ALA B 227 -24.79 -4.50 5.23
C ALA B 227 -26.25 -4.05 5.33
N GLY B 228 -26.45 -2.74 5.48
CA GLY B 228 -27.79 -2.17 5.50
C GLY B 228 -28.60 -2.40 4.22
N SER B 229 -27.92 -2.37 3.07
CA SER B 229 -28.56 -2.61 1.76
C SER B 229 -28.97 -4.06 1.57
N LEU B 230 -28.24 -4.98 2.21
CA LEU B 230 -28.56 -6.42 2.15
C LEU B 230 -29.60 -6.87 3.19
N LEU B 231 -29.72 -6.17 4.30
CA LEU B 231 -30.62 -6.59 5.39
C LEU B 231 -31.93 -5.83 5.54
N MET B 232 -32.01 -4.60 5.02
CA MET B 232 -33.16 -3.70 5.21
C MET B 232 -33.61 -3.06 3.92
N ASP B 233 -34.90 -2.73 3.86
CA ASP B 233 -35.47 -1.97 2.73
C ASP B 233 -35.15 -0.49 2.92
N CYS B 234 -35.49 0.03 4.10
CA CYS B 234 -35.44 1.46 4.42
C CYS B 234 -36.14 2.31 3.34
N GLN B 235 -37.46 2.16 3.22
CA GLN B 235 -38.25 2.87 2.17
C GLN B 235 -38.10 4.40 2.18
N PHE B 236 -37.91 4.94 3.37
CA PHE B 236 -37.64 6.36 3.58
C PHE B 236 -36.46 6.90 2.76
N CYS B 237 -35.40 6.11 2.62
CA CYS B 237 -34.23 6.50 1.82
C CYS B 237 -34.51 6.30 0.33
N ASN B 238 -33.88 7.10 -0.53
CA ASN B 238 -34.00 6.93 -1.99
C ASN B 238 -32.64 6.66 -2.67
N ALA B 239 -31.60 6.43 -1.87
CA ALA B 239 -30.29 6.07 -2.41
C ALA B 239 -29.52 5.20 -1.43
N ILE B 240 -28.66 4.33 -1.96
CA ILE B 240 -27.87 3.40 -1.13
C ILE B 240 -26.39 3.56 -1.45
N ARG B 241 -25.53 3.23 -0.49
CA ARG B 241 -24.08 3.40 -0.63
C ARG B 241 -23.32 2.09 -0.41
N PRO B 242 -23.51 1.10 -1.29
CA PRO B 242 -22.80 -0.17 -1.12
C PRO B 242 -21.30 -0.06 -1.55
N GLY B 243 -20.42 -0.57 -0.69
CA GLY B 243 -18.99 -0.62 -0.99
C GLY B 243 -18.51 -2.02 -1.23
N ILE B 244 -18.02 -2.66 -0.16
CA ILE B 244 -17.33 -3.93 -0.28
C ILE B 244 -18.12 -5.03 -1.02
N SER B 245 -19.45 -5.02 -0.90
CA SER B 245 -20.25 -6.04 -1.57
C SER B 245 -20.38 -5.86 -3.10
N LEU B 246 -20.12 -4.67 -3.63
CA LEU B 246 -19.95 -4.48 -5.08
C LEU B 246 -18.82 -5.32 -5.62
N TYR B 247 -17.78 -5.51 -4.81
CA TYR B 247 -16.58 -6.25 -5.20
C TYR B 247 -16.67 -7.73 -4.87
N GLY B 248 -17.76 -8.14 -4.22
CA GLY B 248 -18.11 -9.54 -4.10
C GLY B 248 -17.88 -10.20 -2.74
N TYR B 249 -17.76 -9.38 -1.69
CA TYR B 249 -17.48 -9.85 -0.34
C TYR B 249 -18.57 -9.39 0.63
N TYR B 250 -19.00 -10.31 1.49
CA TYR B 250 -19.97 -9.98 2.53
C TYR B 250 -19.26 -9.17 3.65
N PRO B 251 -19.92 -8.14 4.22
CA PRO B 251 -19.27 -7.33 5.25
C PRO B 251 -18.98 -8.04 6.58
N SER B 252 -19.63 -9.17 6.83
CA SER B 252 -19.35 -10.00 7.99
C SER B 252 -19.90 -11.39 7.76
N GLU B 253 -19.50 -12.36 8.59
CA GLU B 253 -20.04 -13.71 8.44
C GLU B 253 -21.52 -13.74 8.83
N TYR B 254 -21.91 -12.92 9.80
CA TYR B 254 -23.30 -12.78 10.19
C TYR B 254 -24.21 -12.42 9.00
N VAL B 255 -23.79 -11.45 8.20
CA VAL B 255 -24.61 -11.01 7.06
C VAL B 255 -24.71 -12.13 6.03
N GLN B 256 -23.56 -12.72 5.69
CA GLN B 256 -23.48 -13.87 4.78
C GLN B 256 -24.46 -14.98 5.17
N GLN B 257 -24.58 -15.24 6.47
CA GLN B 257 -25.48 -16.27 6.96
C GLN B 257 -26.96 -15.85 6.93
N LYS B 258 -27.26 -14.57 7.13
CA LYS B 258 -28.64 -14.09 7.11
C LYS B 258 -29.25 -13.95 5.69
N VAL B 259 -28.46 -13.58 4.69
CA VAL B 259 -29.03 -13.22 3.37
C VAL B 259 -28.89 -14.28 2.28
N LYS B 260 -29.89 -14.34 1.40
CA LYS B 260 -29.94 -15.33 0.34
C LYS B 260 -29.26 -14.92 -0.97
N VAL B 261 -28.87 -13.66 -1.12
CA VAL B 261 -28.16 -13.26 -2.36
C VAL B 261 -26.76 -13.87 -2.43
N HIS B 262 -26.34 -14.22 -3.64
CA HIS B 262 -24.98 -14.67 -3.94
C HIS B 262 -24.16 -13.47 -4.48
N LEU B 263 -23.01 -13.22 -3.85
CA LEU B 263 -22.05 -12.22 -4.32
C LEU B 263 -20.86 -12.95 -4.96
N LYS B 264 -20.37 -12.40 -6.09
CA LYS B 264 -19.25 -12.97 -6.85
C LYS B 264 -17.96 -12.23 -6.52
N PRO B 265 -17.03 -12.90 -5.83
CA PRO B 265 -15.70 -12.32 -5.57
C PRO B 265 -14.98 -11.95 -6.87
N SER B 266 -14.33 -10.79 -6.86
CA SER B 266 -13.74 -10.20 -8.05
C SER B 266 -12.21 -10.27 -8.14
N VAL B 267 -11.52 -10.64 -7.05
CA VAL B 267 -10.03 -10.61 -7.02
C VAL B 267 -9.40 -12.00 -6.96
N GLN B 268 -8.38 -12.22 -7.78
CA GLN B 268 -7.36 -13.24 -7.54
C GLN B 268 -6.02 -12.57 -7.35
N LEU B 269 -5.17 -13.12 -6.48
CA LEU B 269 -3.78 -12.70 -6.41
C LEU B 269 -2.91 -13.87 -6.85
N ILE B 270 -2.12 -13.67 -7.92
CA ILE B 270 -1.33 -14.72 -8.58
C ILE B 270 0.17 -14.39 -8.61
N ALA B 271 0.99 -15.42 -8.50
CA ALA B 271 2.43 -15.31 -8.78
C ALA B 271 2.96 -16.62 -9.38
N ASN B 272 3.97 -16.53 -10.23
CA ASN B 272 4.59 -17.70 -10.85
C ASN B 272 5.90 -18.02 -10.16
N VAL B 273 6.20 -19.30 -10.04
CA VAL B 273 7.43 -19.73 -9.40
C VAL B 273 8.59 -19.32 -10.29
N VAL B 274 9.63 -18.72 -9.71
CA VAL B 274 10.83 -18.29 -10.47
C VAL B 274 12.05 -19.18 -10.29
N GLN B 275 12.14 -19.92 -9.18
CA GLN B 275 13.23 -20.88 -8.95
C GLN B 275 12.73 -21.93 -7.97
N THR B 276 13.09 -23.20 -8.19
CA THR B 276 12.98 -24.24 -7.16
C THR B 276 14.35 -24.66 -6.68
N LYS B 277 14.41 -25.13 -5.43
CA LYS B 277 15.62 -25.68 -4.81
C LYS B 277 15.26 -26.89 -3.98
N THR B 278 16.20 -27.82 -3.84
CA THR B 278 16.06 -28.93 -2.90
C THR B 278 16.98 -28.66 -1.72
N LEU B 279 16.41 -28.65 -0.51
CA LEU B 279 17.19 -28.51 0.72
C LEU B 279 17.48 -29.88 1.30
N GLN B 280 18.73 -30.11 1.69
CA GLN B 280 19.08 -31.32 2.47
C GLN B 280 18.81 -31.07 3.96
N ALA B 281 18.74 -32.15 4.72
CA ALA B 281 18.51 -32.09 6.16
C ALA B 281 19.59 -31.24 6.82
N GLY B 282 19.16 -30.23 7.56
CA GLY B 282 20.08 -29.25 8.18
C GLY B 282 19.96 -27.87 7.55
N GLU B 283 19.88 -27.84 6.21
CA GLU B 283 19.90 -26.58 5.46
C GLU B 283 18.63 -25.77 5.71
N SER B 284 18.79 -24.45 5.79
CA SER B 284 17.67 -23.52 6.09
C SER B 284 17.26 -22.53 4.99
N VAL B 285 16.26 -21.69 5.31
CA VAL B 285 15.74 -20.71 4.37
C VAL B 285 15.33 -19.39 5.03
N SER B 286 15.57 -18.29 4.32
CA SER B 286 15.23 -16.91 4.70
C SER B 286 15.87 -16.28 5.94
N TYR B 287 15.44 -15.04 6.19
CA TYR B 287 15.92 -14.24 7.31
C TYR B 287 15.75 -14.92 8.67
N GLY B 288 16.74 -14.71 9.54
CA GLY B 288 16.75 -15.26 10.87
C GLY B 288 16.80 -16.78 11.00
N ALA B 289 17.00 -17.50 9.90
CA ALA B 289 17.04 -18.96 9.89
C ALA B 289 15.85 -19.58 10.62
N THR B 290 14.65 -19.11 10.33
CA THR B 290 13.46 -19.59 11.01
C THR B 290 12.95 -20.93 10.51
N TYR B 291 13.61 -21.52 9.51
CA TYR B 291 13.17 -22.82 9.01
C TYR B 291 14.28 -23.71 8.46
N THR B 292 14.29 -24.97 8.90
CA THR B 292 15.23 -25.99 8.46
C THR B 292 14.40 -27.18 8.02
N ALA B 293 14.76 -27.83 6.92
CA ALA B 293 13.88 -28.94 6.43
C ALA B 293 13.91 -30.31 7.12
N THR B 294 15.10 -30.84 7.40
CA THR B 294 15.35 -32.13 8.08
C THR B 294 15.08 -33.41 7.27
N ASP B 295 14.69 -33.25 6.01
CA ASP B 295 14.38 -34.31 5.05
C ASP B 295 14.59 -33.77 3.64
N PRO B 296 14.82 -34.61 2.63
CA PRO B 296 14.91 -33.95 1.32
C PRO B 296 13.57 -33.31 0.94
N THR B 297 13.50 -31.98 1.01
CA THR B 297 12.29 -31.24 0.69
C THR B 297 12.58 -30.11 -0.32
N THR B 298 11.63 -29.90 -1.23
CA THR B 298 11.73 -28.92 -2.30
C THR B 298 11.02 -27.64 -1.87
N ILE B 299 11.59 -26.50 -2.26
CA ILE B 299 10.98 -25.20 -2.03
C ILE B 299 10.85 -24.43 -3.34
N ALA B 300 9.90 -23.52 -3.38
CA ALA B 300 9.68 -22.67 -4.52
C ALA B 300 9.74 -21.21 -4.07
N LEU B 301 10.39 -20.38 -4.87
CA LEU B 301 10.52 -18.95 -4.64
C LEU B 301 9.51 -18.21 -5.48
N LEU B 302 8.69 -17.41 -4.81
CA LEU B 302 7.69 -16.60 -5.48
C LEU B 302 8.16 -15.15 -5.47
N PRO B 303 8.01 -14.41 -6.59
CA PRO B 303 8.42 -13.01 -6.65
C PRO B 303 7.33 -12.07 -6.10
N ILE B 304 7.00 -12.23 -4.82
CA ILE B 304 6.01 -11.42 -4.15
C ILE B 304 6.32 -11.42 -2.65
N GLY B 305 6.11 -10.29 -1.99
CA GLY B 305 6.47 -10.15 -0.58
C GLY B 305 5.61 -9.11 0.09
N TYR B 306 6.05 -8.63 1.25
CA TYR B 306 5.23 -7.72 2.07
C TYR B 306 5.14 -6.30 1.54
N ALA B 307 6.08 -5.88 0.69
CA ALA B 307 5.97 -4.60 -0.03
C ALA B 307 4.84 -4.61 -1.08
N ASP B 308 4.34 -5.80 -1.42
CA ASP B 308 3.17 -5.97 -2.29
C ASP B 308 1.86 -6.09 -1.51
N GLY B 309 1.95 -6.16 -0.20
CA GLY B 309 0.77 -6.35 0.65
C GLY B 309 0.55 -7.76 1.16
N TYR B 310 1.42 -8.71 0.78
CA TYR B 310 1.40 -10.08 1.33
C TYR B 310 2.28 -10.07 2.56
N LEU B 311 1.67 -9.73 3.69
CA LEU B 311 2.40 -9.30 4.89
C LEU B 311 3.15 -10.45 5.58
N ARG B 312 4.06 -10.07 6.47
CA ARG B 312 4.95 -11.04 7.12
C ARG B 312 4.20 -12.11 7.88
N ILE B 313 3.09 -11.72 8.50
CA ILE B 313 2.25 -12.65 9.25
C ILE B 313 1.66 -13.79 8.39
N MET B 314 1.72 -13.68 7.06
CA MET B 314 1.26 -14.78 6.20
C MET B 314 2.11 -16.04 6.29
N GLN B 315 3.28 -15.98 6.94
CA GLN B 315 4.09 -17.16 7.22
C GLN B 315 3.25 -18.21 7.96
N GLY B 316 3.27 -19.44 7.46
CA GLY B 316 2.43 -20.50 7.99
C GLY B 316 1.05 -20.69 7.35
N SER B 317 0.70 -19.83 6.39
N SER B 317 0.69 -19.83 6.39
CA SER B 317 -0.56 -20.00 5.67
CA SER B 317 -0.56 -19.99 5.65
C SER B 317 -0.33 -20.93 4.48
C SER B 317 -0.34 -20.94 4.49
N PHE B 318 -1.43 -21.23 3.78
CA PHE B 318 -1.40 -22.18 2.65
C PHE B 318 -1.79 -21.45 1.37
N VAL B 319 -1.11 -21.83 0.30
CA VAL B 319 -1.34 -21.32 -1.03
C VAL B 319 -1.52 -22.51 -1.98
N ASN B 320 -2.08 -22.24 -3.15
CA ASN B 320 -2.42 -23.27 -4.13
C ASN B 320 -1.48 -23.23 -5.33
N VAL B 321 -0.60 -24.22 -5.42
CA VAL B 321 0.35 -24.43 -6.53
C VAL B 321 -0.15 -25.61 -7.38
N ASN B 322 -0.60 -25.35 -8.60
CA ASN B 322 -1.16 -26.38 -9.53
C ASN B 322 -2.18 -27.33 -8.89
N GLY B 323 -3.01 -26.82 -7.99
CA GLY B 323 -4.00 -27.63 -7.28
C GLY B 323 -3.59 -28.14 -5.90
N HIS B 324 -2.28 -28.23 -5.65
CA HIS B 324 -1.74 -28.76 -4.38
C HIS B 324 -1.67 -27.65 -3.31
N GLN B 325 -2.10 -27.95 -2.08
CA GLN B 325 -2.02 -27.04 -0.94
C GLN B 325 -0.61 -27.06 -0.32
N CYS B 326 0.05 -25.90 -0.31
CA CYS B 326 1.48 -25.78 0.08
C CYS B 326 1.73 -24.70 1.14
N GLU B 327 2.56 -25.05 2.14
CA GLU B 327 2.82 -24.15 3.26
C GLU B 327 3.83 -23.05 2.90
N VAL B 328 3.52 -21.80 3.26
CA VAL B 328 4.47 -20.70 3.20
C VAL B 328 5.45 -20.86 4.38
N ILE B 329 6.74 -21.11 4.09
CA ILE B 329 7.73 -21.38 5.14
C ILE B 329 8.83 -20.32 5.17
N GLY B 330 9.39 -20.07 6.35
CA GLY B 330 10.41 -19.06 6.51
C GLY B 330 9.84 -17.65 6.58
N ARG B 331 10.70 -16.66 6.72
CA ARG B 331 10.24 -15.28 6.78
C ARG B 331 9.79 -14.77 5.42
N VAL B 332 8.70 -14.03 5.40
CA VAL B 332 8.24 -13.44 4.16
C VAL B 332 9.11 -12.20 4.03
N CYS B 333 9.78 -12.07 2.89
CA CYS B 333 10.64 -10.90 2.65
C CYS B 333 9.88 -9.78 1.96
N MET B 334 10.56 -8.65 1.81
CA MET B 334 10.03 -7.49 1.11
C MET B 334 9.52 -7.84 -0.28
N ASP B 335 10.33 -8.63 -1.01
CA ASP B 335 10.08 -8.95 -2.43
C ASP B 335 9.90 -10.44 -2.76
N GLN B 336 10.03 -11.33 -1.76
CA GLN B 336 9.99 -12.77 -1.99
C GLN B 336 9.28 -13.57 -0.89
N THR B 337 8.66 -14.68 -1.31
CA THR B 337 7.98 -15.62 -0.43
C THR B 337 8.48 -17.01 -0.79
N ILE B 338 8.72 -17.85 0.22
CA ILE B 338 9.18 -19.24 0.01
C ILE B 338 8.06 -20.23 0.38
N VAL B 339 7.88 -21.25 -0.45
CA VAL B 339 6.77 -22.19 -0.34
C VAL B 339 7.30 -23.63 -0.40
N LYS B 340 6.87 -24.46 0.54
CA LYS B 340 7.22 -25.88 0.54
C LYS B 340 6.34 -26.62 -0.47
N VAL B 341 6.95 -27.33 -1.42
CA VAL B 341 6.24 -27.87 -2.58
C VAL B 341 6.57 -29.34 -2.89
N PRO B 342 5.67 -30.05 -3.59
CA PRO B 342 6.02 -31.36 -4.14
C PRO B 342 7.13 -31.27 -5.20
N ASP B 343 7.86 -32.38 -5.40
CA ASP B 343 9.02 -32.43 -6.31
C ASP B 343 8.72 -32.07 -7.76
N GLN B 344 7.52 -32.40 -8.24
CA GLN B 344 7.13 -32.10 -9.62
C GLN B 344 6.95 -30.60 -9.93
N VAL B 345 6.81 -29.76 -8.91
CA VAL B 345 6.70 -28.32 -9.15
C VAL B 345 8.02 -27.75 -9.73
N LYS B 346 7.90 -26.87 -10.72
CA LYS B 346 9.05 -26.26 -11.40
C LYS B 346 8.79 -24.79 -11.71
N ALA B 347 9.86 -24.10 -12.08
CA ALA B 347 9.79 -22.68 -12.44
C ALA B 347 8.76 -22.47 -13.54
N GLY B 348 7.96 -21.40 -13.42
CA GLY B 348 6.88 -21.11 -14.34
C GLY B 348 5.49 -21.55 -13.90
N ASP B 349 5.38 -22.48 -12.96
CA ASP B 349 4.08 -22.89 -12.43
C ASP B 349 3.42 -21.71 -11.70
N SER B 350 2.13 -21.49 -11.94
CA SER B 350 1.42 -20.39 -11.30
C SER B 350 0.82 -20.82 -9.95
N VAL B 351 0.73 -19.84 -9.03
CA VAL B 351 0.33 -20.05 -7.65
C VAL B 351 -0.79 -19.08 -7.32
N ILE B 352 -1.90 -19.59 -6.78
CA ILE B 352 -2.99 -18.74 -6.33
C ILE B 352 -2.77 -18.43 -4.85
N LEU B 353 -2.55 -17.15 -4.54
CA LEU B 353 -2.38 -16.69 -3.15
C LEU B 353 -3.68 -16.19 -2.55
N ILE B 354 -4.50 -15.53 -3.39
CA ILE B 354 -5.89 -15.19 -3.03
C ILE B 354 -6.76 -15.63 -4.19
N ASP B 355 -7.84 -16.35 -3.87
CA ASP B 355 -8.72 -16.94 -4.88
C ASP B 355 -10.11 -16.28 -4.91
N ASN B 356 -10.75 -16.32 -6.08
CA ASN B 356 -12.05 -15.67 -6.29
C ASN B 356 -13.23 -16.57 -5.93
N HIS B 357 -13.13 -17.21 -4.77
CA HIS B 357 -14.19 -18.07 -4.22
C HIS B 357 -14.22 -17.88 -2.71
N ARG B 358 -15.44 -17.88 -2.15
CA ARG B 358 -15.63 -17.68 -0.72
C ARG B 358 -15.22 -18.92 0.07
N GLU B 359 -15.56 -20.10 -0.46
CA GLU B 359 -15.25 -21.36 0.21
C GLU B 359 -13.96 -21.92 -0.37
N SER B 360 -12.86 -21.33 0.05
CA SER B 360 -11.53 -21.69 -0.44
C SER B 360 -10.56 -21.50 0.72
N PRO B 361 -9.55 -22.39 0.84
CA PRO B 361 -8.47 -22.09 1.80
C PRO B 361 -7.64 -20.85 1.44
N GLN B 362 -7.80 -20.31 0.22
CA GLN B 362 -7.20 -19.05 -0.18
C GLN B 362 -8.21 -17.90 -0.31
N SER B 363 -9.36 -17.99 0.36
CA SER B 363 -10.32 -16.88 0.28
C SER B 363 -9.80 -15.63 0.99
N VAL B 364 -10.38 -14.50 0.65
CA VAL B 364 -10.02 -13.24 1.28
C VAL B 364 -10.25 -13.30 2.78
N GLU B 365 -11.34 -13.98 3.19
CA GLU B 365 -11.69 -14.12 4.60
C GLU B 365 -10.71 -14.98 5.39
N VAL B 366 -10.19 -16.05 4.77
CA VAL B 366 -9.16 -16.90 5.41
C VAL B 366 -7.86 -16.13 5.55
N VAL B 367 -7.48 -15.41 4.49
CA VAL B 367 -6.33 -14.53 4.55
C VAL B 367 -6.52 -13.46 5.64
N ALA B 368 -7.74 -12.94 5.78
CA ALA B 368 -8.04 -11.99 6.88
C ALA B 368 -7.89 -12.59 8.28
N GLU B 369 -8.30 -13.85 8.45
CA GLU B 369 -8.10 -14.56 9.72
C GLU B 369 -6.61 -14.68 10.05
N LYS B 370 -5.81 -15.03 9.05
CA LYS B 370 -4.36 -15.12 9.23
C LYS B 370 -3.74 -13.78 9.64
N GLN B 371 -4.22 -12.69 9.05
CA GLN B 371 -3.75 -11.34 9.35
C GLN B 371 -4.38 -10.72 10.60
N HIS B 372 -5.29 -11.46 11.27
CA HIS B 372 -5.99 -10.98 12.46
C HIS B 372 -6.69 -9.66 12.17
N THR B 373 -7.41 -9.62 11.04
CA THR B 373 -8.09 -8.41 10.59
C THR B 373 -9.39 -8.77 9.84
N ILE B 374 -9.91 -7.87 9.03
CA ILE B 374 -11.13 -8.07 8.26
C ILE B 374 -10.83 -7.96 6.77
N ASN B 375 -11.71 -8.53 5.95
CA ASN B 375 -11.50 -8.60 4.50
C ASN B 375 -11.16 -7.25 3.85
N TYR B 376 -11.81 -6.19 4.34
CA TYR B 376 -11.58 -4.82 3.88
C TYR B 376 -10.07 -4.45 3.86
N GLU B 377 -9.36 -4.79 4.93
CA GLU B 377 -7.95 -4.43 5.08
C GLU B 377 -7.04 -5.30 4.21
N VAL B 378 -7.38 -6.59 4.04
CA VAL B 378 -6.59 -7.46 3.14
C VAL B 378 -6.48 -6.87 1.73
N LEU B 379 -7.61 -6.36 1.24
CA LEU B 379 -7.68 -5.75 -0.08
C LEU B 379 -6.98 -4.41 -0.17
N CYS B 380 -7.14 -3.55 0.84
CA CYS B 380 -6.48 -2.24 0.87
C CYS B 380 -4.95 -2.29 1.01
N ASN B 381 -4.44 -3.34 1.65
CA ASN B 381 -3.00 -3.60 1.75
C ASN B 381 -2.29 -3.81 0.40
N LEU B 382 -3.02 -4.25 -0.61
CA LEU B 382 -2.42 -4.61 -1.89
C LEU B 382 -1.84 -3.36 -2.58
N SER B 383 -0.51 -3.33 -2.72
CA SER B 383 0.22 -2.10 -3.02
C SER B 383 0.24 -1.73 -4.50
N ARG B 384 0.74 -0.54 -4.78
CA ARG B 384 0.83 -0.05 -6.14
C ARG B 384 1.75 -0.86 -7.06
N ARG B 385 2.61 -1.70 -6.48
CA ARG B 385 3.56 -2.49 -7.27
C ARG B 385 2.93 -3.69 -7.97
N LEU B 386 1.77 -4.14 -7.50
CA LEU B 386 1.03 -5.17 -8.21
C LEU B 386 0.28 -4.58 -9.40
N PRO B 387 0.54 -5.11 -10.61
CA PRO B 387 -0.35 -4.78 -11.71
C PRO B 387 -1.77 -5.27 -11.49
N ARG B 388 -2.75 -4.50 -11.97
CA ARG B 388 -4.12 -4.95 -12.03
C ARG B 388 -4.41 -5.36 -13.47
N ILE B 389 -4.82 -6.62 -13.66
CA ILE B 389 -5.20 -7.13 -14.97
C ILE B 389 -6.72 -7.36 -15.00
N TYR B 390 -7.40 -6.55 -15.79
CA TYR B 390 -8.86 -6.53 -15.80
C TYR B 390 -9.41 -7.46 -16.85
N HIS B 391 -10.46 -8.19 -16.48
CA HIS B 391 -11.16 -9.07 -17.41
C HIS B 391 -12.55 -8.57 -17.61
N ASP B 392 -12.90 -8.32 -18.87
CA ASP B 392 -14.24 -7.99 -19.30
C ASP B 392 -14.61 -8.87 -20.51
N GLY B 393 -15.29 -9.97 -20.22
CA GLY B 393 -15.54 -11.02 -21.18
C GLY B 393 -14.20 -11.62 -21.53
N ASP B 394 -13.90 -11.60 -22.82
CA ASP B 394 -12.60 -12.03 -23.33
C ASP B 394 -11.61 -10.86 -23.52
N GLN B 395 -12.05 -9.62 -23.30
CA GLN B 395 -11.15 -8.46 -23.35
C GLN B 395 -10.29 -8.30 -22.07
N ARG B 396 -9.06 -7.82 -22.26
CA ARG B 396 -8.03 -7.77 -21.22
C ARG B 396 -7.41 -6.36 -21.22
N PHE B 397 -7.32 -5.75 -20.05
CA PHE B 397 -6.61 -4.46 -19.87
C PHE B 397 -5.71 -4.49 -18.66
N VAL B 398 -4.57 -3.81 -18.73
CA VAL B 398 -3.57 -3.81 -17.66
C VAL B 398 -3.25 -2.40 -17.16
N THR B 399 -3.26 -2.24 -15.83
N THR B 399 -3.16 -2.24 -15.83
CA THR B 399 -2.71 -1.05 -15.17
CA THR B 399 -2.69 -0.99 -15.25
C THR B 399 -1.48 -1.48 -14.37
C THR B 399 -1.55 -1.28 -14.27
N ASN B 400 -0.33 -0.87 -14.66
CA ASN B 400 0.87 -0.99 -13.84
C ASN B 400 1.27 0.45 -13.49
N GLU B 401 1.00 0.84 -12.25
CA GLU B 401 1.15 2.22 -11.84
C GLU B 401 2.60 2.73 -11.88
N LEU B 402 3.59 1.84 -11.76
CA LEU B 402 4.99 2.24 -11.84
C LEU B 402 5.37 2.86 -13.18
N LEU B 403 4.72 2.41 -14.25
CA LEU B 403 5.05 2.82 -15.61
C LEU B 403 4.10 3.87 -16.21
N LYS B 404 3.35 4.60 -15.35
CA LYS B 404 2.64 5.83 -15.75
C LYS B 404 3.56 6.82 -16.46
N1 EM2 C . 20.53 -6.73 -0.84
C2 EM2 C . 19.50 -7.46 -1.35
C2A EM2 C . 19.71 -8.43 -2.16
C3 EM2 C . 18.12 -7.14 -0.95
O3 EM2 C . 17.08 -7.85 -1.46
C4 EM2 C . 17.89 -6.03 0.01
C4A EM2 C . 16.49 -5.69 0.43
C5 EM2 C . 19.11 -5.31 0.49
C6 EM2 C . 20.37 -5.71 0.03
C5A EM2 C . 19.03 -4.16 1.48
O4P EM2 C . 18.75 -4.67 2.78
P EM2 C . 18.59 -3.65 4.01
O1P EM2 C . 19.78 -2.73 4.05
O2P EM2 C . 17.33 -2.81 3.81
O3P EM2 C . 18.47 -4.42 5.29
C1 EM2 C . 19.90 -9.40 -2.97
S SO4 D . 2.87 23.14 -11.41
O1 SO4 D . 3.60 22.18 -10.56
O2 SO4 D . 3.66 24.38 -11.51
O3 SO4 D . 2.71 22.60 -12.77
O4 SO4 D . 1.51 23.40 -10.86
S SO4 E . 9.03 13.30 -11.77
O1 SO4 E . 9.98 13.73 -10.73
O2 SO4 E . 9.74 13.26 -13.08
O3 SO4 E . 8.51 11.96 -11.42
O4 SO4 E . 7.91 14.26 -11.81
S SO4 F . 17.23 10.93 16.55
O1 SO4 F . 17.53 11.93 15.48
O2 SO4 F . 18.49 10.65 17.28
O3 SO4 F . 16.73 9.66 15.97
O4 SO4 F . 16.21 11.50 17.46
S SO4 G . -7.51 -4.71 17.50
O1 SO4 G . -6.60 -4.81 18.67
O2 SO4 G . -6.85 -5.14 16.25
O3 SO4 G . -8.71 -5.54 17.75
O4 SO4 G . -7.95 -3.30 17.36
NA NA H . 31.40 -12.03 -22.62
NA NA I . 10.43 8.30 11.28
NA NA J . -20.62 3.55 17.55
CL CL K . 36.45 0.68 1.93
N1 EM2 L . -20.86 5.01 3.59
C2 EM2 L . -19.84 5.66 4.20
C2A EM2 L . -20.01 6.80 4.74
C3 EM2 L . -18.49 5.04 4.24
O3 EM2 L . -17.45 5.67 4.84
C4 EM2 L . -18.31 3.71 3.61
C4A EM2 L . -16.94 3.08 3.66
C5 EM2 L . -19.52 3.09 2.96
C6 EM2 L . -20.73 3.79 3.00
C5A EM2 L . -19.45 1.72 2.30
O4P EM2 L . -19.28 0.72 3.32
P EM2 L . -19.29 -0.88 3.02
O1P EM2 L . -18.07 -1.26 2.23
O2P EM2 L . -20.47 -1.20 2.16
O3P EM2 L . -19.30 -1.58 4.34
C1 EM2 L . -20.19 7.94 5.31
S SO4 M . -18.19 -18.54 -4.61
O1 SO4 M . -18.07 -17.15 -4.10
O2 SO4 M . -17.31 -19.44 -3.83
O3 SO4 M . -19.59 -18.99 -4.47
O4 SO4 M . -17.79 -18.59 -6.04
S SO4 N . -1.62 -11.83 -18.24
O1 SO4 N . -1.47 -12.26 -16.83
O2 SO4 N . -0.58 -10.84 -18.58
O3 SO4 N . -1.47 -12.99 -19.15
O4 SO4 N . -2.98 -11.24 -18.43
NA NA O . -29.62 27.76 -2.08
CL CL P . -36.49 0.39 -3.62
#